data_7EJK
#
_entry.id   7EJK
#
_cell.length_a   1.00
_cell.length_b   1.00
_cell.length_c   1.00
_cell.angle_alpha   90.00
_cell.angle_beta   90.00
_cell.angle_gamma   90.00
#
_symmetry.space_group_name_H-M   'P 1'
#
loop_
_entity.id
_entity.type
_entity.pdbx_description
1 polymer 'Guanine nucleotide-binding protein G(o) subunit alpha'
2 polymer 'Guanine nucleotide-binding protein G(I)/G(S)/G(T) subunit beta-1'
3 polymer 'Guanine nucleotide-binding protein G(I)/G(S)/G(O) subunit gamma-2'
4 polymer scFv16
5 polymer 'Alpha-2A adrenergic receptor'
6 non-polymer Oxymetazoline
#
loop_
_entity_poly.entity_id
_entity_poly.type
_entity_poly.pdbx_seq_one_letter_code
_entity_poly.pdbx_strand_id
1 'polypeptide(L)'
;MGCTLSAEERAALERSKAIEKNLKEDGISAAKDVKLLLLGAGESGKSTIVKQMKIIHEDGFSGEDVKQYKPVVYSNTIQS
LAAIVRAMDTLGIEYGDKERKADAKMVCDVVSRMEDTEPFSAELLSAMMRLWGDSGIQECFNRSREYQLNDSAKYYLDSL
DRIGAADYQPTEQDILRTRVKTTGIVETHFTFKNLHFRLFDVGGQRSERKKWIHCFEDVTAIIFCVALSGYDQVLHEDET
TNRMHESLMLFDSICNNKFFIDTSIILFLNKKDLFGEKIKKSPLTICFPEYTGPNTYEDAAAYIQAQFESKNRSPNKEIY
CHMTCATDTNNIQVVFDAVTDIIIANNLRGCGLY
;
A
2 'polypeptide(L)'
;HHHHHHGSSGSELDQLRQEAEQLKNQIRDARKACADATLSQITNNIDPVGRIQMRTRRTLRGHLAKIYAMHWGTDSRLLV
SASQDGKLIIWDSYTTNKVHAIPLRSSWVMTCAYAPSGNYVACGGLDNICSIYNLKTREGNVRVSRELAGHTGYLSCCRF
LDDNQIVTSSGDTTCALWDIETGQQTTTFTGHTGDVMSLSLAPDTRLFVSGACDASAKLWDVREGMCRQTFTGHESDINA
ICFFPNGNAFATGSDDATCRLFDLRADQELMTYSHDNIICGITSVSFSKSGRLLLAGYDDFNCNVWDALKADRAGVLAGH
DNRVSCLGVTDDGMAVATGSWDSFLKIWN
;
B
3 'polypeptide(L)' MASNNTASIAQARKLVEQLKMEANIDRIKVSKAAADLMAYCEAHAKEDPLLTPVPASENPFREKKFFCAIL G
4 'polypeptide(L)'
;MLLVNQSHQGFNKEHTSKMVSAIVLYVLLAAAAHSAFADVQLVESGGGLVQPGGSRKLSCSASGFAFSSFGMHWVRQAPE
KGLEWVAYISSGSGTIYYADTVKGRFTISRDDPKNTLFLQMTSLRSEDTAMYYCVRSIYYYGSSPFDFWGQGTTLTVSSG
GGGSGGGGSGGGGSDIVMTQATSSVPVTPGESVSISCRSSKSLLHSNGNTYLYWFLQRPGQSPQLLIYRMSNLASGVPDR
FSGSGSGTAFTLTISRLEAEDVGVYYCMQHLEYPLTFGAGTKLELKGSLEVLFQGPAAAHHHHHHHH
;
H
5 'polypeptide(L)'
;MFRQEQPLAEGSFAPMGSLQPDAGNASWNGTEAPGGGARATPYSLQVTLTLVCLAGLLMLLTVFGNVLVIIAVFTSRALK
APQNLFLVSLASADILVATLVIPFSLANEVMGYWYFGKAWCEIYLALDVLFCTSSIVHLCAISLDRYWSITQAIEYNLKR
TPRRIKAIIITVWVISAVISFPPLISIEKKGGGGGPQPAEPRCEINDQKWYVISSCIGSFFAPCLIMILVYVRIYQIAKR
RTRVPPSRRGPDAVAAPPGGTERRPNGLGPERSAGPGGAEAEPLPTQLNGAPGEPAPAGPRDTDALDLEESSSSDHAERP
PGPRRPERGPRGKGKARASQVKPGDSLPRRGPGATGIGTPAAGPGEERVGAAKASRWRGRQNREKRFTFVLAVVIGVFVV
CWFPFFFTYTLTAVGCSVPRTLFKFFFWFGYCNSSLNPVIYTIFNHDFRRAFKKILCRGDRKRIV
;
R
#
# COMPACT_ATOMS: atom_id res chain seq x y z
N THR A 4 -24.39 8.04 -14.74
CA THR A 4 -23.62 7.54 -13.62
C THR A 4 -23.16 6.10 -13.90
N LEU A 5 -23.12 5.27 -12.85
CA LEU A 5 -22.63 3.90 -12.96
C LEU A 5 -23.75 2.91 -12.65
N SER A 6 -23.57 1.69 -13.15
CA SER A 6 -24.60 0.67 -13.07
C SER A 6 -24.63 0.03 -11.68
N ALA A 7 -25.62 -0.85 -11.47
CA ALA A 7 -25.79 -1.47 -10.16
C ALA A 7 -24.61 -2.36 -9.80
N GLU A 8 -24.10 -3.14 -10.76
CA GLU A 8 -22.97 -4.00 -10.47
C GLU A 8 -21.74 -3.19 -10.10
N GLU A 9 -21.50 -2.08 -10.82
CA GLU A 9 -20.38 -1.22 -10.47
C GLU A 9 -20.58 -0.58 -9.11
N ARG A 10 -21.82 -0.21 -8.76
CA ARG A 10 -22.07 0.32 -7.43
C ARG A 10 -21.74 -0.71 -6.36
N ALA A 11 -22.14 -1.96 -6.59
CA ALA A 11 -21.83 -3.02 -5.63
C ALA A 11 -20.32 -3.23 -5.52
N ALA A 12 -19.62 -3.18 -6.65
CA ALA A 12 -18.17 -3.32 -6.62
C ALA A 12 -17.53 -2.19 -5.83
N LEU A 13 -18.03 -0.96 -6.01
CA LEU A 13 -17.50 0.17 -5.26
C LEU A 13 -17.75 0.00 -3.77
N GLU A 14 -18.94 -0.49 -3.40
CA GLU A 14 -19.22 -0.73 -1.99
C GLU A 14 -18.28 -1.78 -1.42
N ARG A 15 -18.03 -2.85 -2.17
CA ARG A 15 -17.08 -3.87 -1.73
C ARG A 15 -15.69 -3.29 -1.55
N SER A 16 -15.28 -2.43 -2.48
CA SER A 16 -13.96 -1.80 -2.37
C SER A 16 -13.87 -0.94 -1.12
N LYS A 17 -14.94 -0.18 -0.83
CA LYS A 17 -14.94 0.64 0.39
C LYS A 17 -14.86 -0.23 1.64
N ALA A 18 -15.59 -1.34 1.66
CA ALA A 18 -15.52 -2.23 2.81
C ALA A 18 -14.11 -2.79 2.99
N ILE A 19 -13.48 -3.19 1.88
CA ILE A 19 -12.11 -3.69 1.94
C ILE A 19 -11.18 -2.61 2.48
N GLU A 20 -11.34 -1.39 1.99
CA GLU A 20 -10.48 -0.29 2.44
C GLU A 20 -10.64 -0.05 3.92
N LYS A 21 -11.89 -0.05 4.42
CA LYS A 21 -12.11 0.17 5.84
C LYS A 21 -11.47 -0.93 6.67
N ASN A 22 -11.66 -2.19 6.26
CA ASN A 22 -11.07 -3.30 7.01
C ASN A 22 -9.56 -3.19 7.02
N LEU A 23 -8.96 -2.87 5.87
CA LEU A 23 -7.51 -2.73 5.79
C LEU A 23 -7.01 -1.61 6.68
N LYS A 24 -7.70 -0.47 6.67
CA LYS A 24 -7.28 0.65 7.51
C LYS A 24 -7.36 0.29 8.98
N GLU A 25 -8.43 -0.39 9.39
CA GLU A 25 -8.53 -0.80 10.79
C GLU A 25 -7.41 -1.76 11.16
N ASP A 26 -7.11 -2.71 10.27
CA ASP A 26 -6.03 -3.66 10.54
C ASP A 26 -4.69 -2.94 10.67
N GLY A 27 -4.43 -1.97 9.78
CA GLY A 27 -3.18 -1.23 9.87
C GLY A 27 -3.07 -0.43 11.16
N ILE A 28 -4.16 0.23 11.55
CA ILE A 28 -4.15 1.00 12.80
C ILE A 28 -3.88 0.08 13.99
N SER A 29 -4.53 -1.09 14.00
CA SER A 29 -4.30 -2.04 15.08
C SER A 29 -2.85 -2.53 15.09
N ALA A 30 -2.28 -2.80 13.91
CA ALA A 30 -0.93 -3.36 13.84
C ALA A 30 0.13 -2.33 14.22
N ALA A 31 -0.07 -1.05 13.90
CA ALA A 31 0.94 -0.05 14.15
C ALA A 31 1.15 0.26 15.63
N LYS A 32 0.49 -0.46 16.55
CA LYS A 32 0.59 -0.13 17.96
C LYS A 32 1.81 -0.78 18.61
N ASP A 33 2.15 -2.00 18.20
CA ASP A 33 3.23 -2.74 18.84
C ASP A 33 4.60 -2.16 18.43
N VAL A 34 5.63 -2.60 19.14
CA VAL A 34 6.99 -2.14 18.94
C VAL A 34 7.81 -3.29 18.36
N LYS A 35 8.56 -3.00 17.30
CA LYS A 35 9.35 -3.99 16.60
C LYS A 35 10.83 -3.82 16.93
N LEU A 36 11.49 -4.92 17.28
CA LEU A 36 12.90 -4.91 17.62
C LEU A 36 13.63 -5.92 16.74
N LEU A 37 14.89 -5.61 16.41
CA LEU A 37 15.72 -6.47 15.60
C LEU A 37 16.94 -6.90 16.42
N LEU A 38 17.20 -8.20 16.43
CA LEU A 38 18.33 -8.77 17.14
C LEU A 38 19.40 -9.15 16.13
N LEU A 39 20.55 -8.49 16.19
CA LEU A 39 21.64 -8.68 15.23
C LEU A 39 22.93 -8.88 16.01
N GLY A 40 23.23 -10.13 16.33
CA GLY A 40 24.47 -10.49 16.99
C GLY A 40 25.58 -10.80 16.00
N ALA A 41 26.52 -11.63 16.43
CA ALA A 41 27.65 -11.98 15.58
C ALA A 41 28.23 -13.31 16.06
N GLY A 42 28.19 -14.32 15.20
CA GLY A 42 28.82 -15.58 15.51
C GLY A 42 28.23 -16.21 16.76
N GLU A 43 29.11 -16.61 17.68
CA GLU A 43 28.72 -17.31 18.90
C GLU A 43 28.23 -16.38 20.00
N SER A 44 27.86 -15.16 19.68
CA SER A 44 27.35 -14.25 20.69
C SER A 44 26.12 -14.85 21.37
N GLY A 45 25.72 -14.22 22.47
CA GLY A 45 24.63 -14.76 23.26
C GLY A 45 23.25 -14.40 22.73
N LYS A 46 23.10 -14.28 21.41
CA LYS A 46 21.78 -14.04 20.85
C LYS A 46 20.83 -15.19 21.17
N SER A 47 21.32 -16.43 21.07
CA SER A 47 20.51 -17.58 21.45
C SER A 47 20.13 -17.51 22.92
N THR A 48 21.10 -17.15 23.78
CA THR A 48 20.82 -17.04 25.20
C THR A 48 19.71 -16.02 25.45
N ILE A 49 19.82 -14.85 24.84
CA ILE A 49 18.84 -13.79 25.07
C ILE A 49 17.46 -14.23 24.57
N VAL A 50 17.40 -14.81 23.38
CA VAL A 50 16.09 -15.16 22.82
C VAL A 50 15.45 -16.26 23.64
N LYS A 51 16.22 -17.26 24.08
CA LYS A 51 15.63 -18.31 24.91
C LYS A 51 15.22 -17.78 26.27
N GLN A 52 15.98 -16.82 26.81
CA GLN A 52 15.57 -16.19 28.07
C GLN A 52 14.26 -15.44 27.92
N MET A 53 14.08 -14.73 26.80
CA MET A 53 12.85 -14.00 26.52
C MET A 53 12.37 -13.22 27.74
N THR A 183 13.70 -22.59 8.42
CA THR A 183 15.13 -22.34 8.30
C THR A 183 15.41 -20.91 7.86
N GLY A 184 14.39 -20.06 7.92
CA GLY A 184 14.54 -18.67 7.54
C GLY A 184 14.41 -17.72 8.72
N ILE A 185 13.76 -16.58 8.50
CA ILE A 185 13.58 -15.61 9.57
C ILE A 185 12.71 -16.23 10.67
N VAL A 186 12.96 -15.80 11.90
CA VAL A 186 12.23 -16.29 13.07
C VAL A 186 11.68 -15.08 13.82
N GLU A 187 10.41 -15.14 14.19
CA GLU A 187 9.74 -14.05 14.90
C GLU A 187 9.14 -14.60 16.19
N THR A 188 9.41 -13.92 17.30
CA THR A 188 8.85 -14.28 18.60
C THR A 188 8.40 -13.01 19.29
N HIS A 189 7.10 -12.92 19.57
CA HIS A 189 6.51 -11.75 20.19
C HIS A 189 6.05 -12.06 21.61
N PHE A 190 6.23 -11.08 22.50
CA PHE A 190 5.81 -11.19 23.88
C PHE A 190 5.26 -9.86 24.34
N THR A 191 4.41 -9.91 25.36
CA THR A 191 3.78 -8.71 25.92
C THR A 191 4.27 -8.50 27.34
N PHE A 192 4.81 -7.31 27.61
CA PHE A 192 5.31 -6.96 28.93
C PHE A 192 4.64 -5.67 29.36
N LYS A 193 3.96 -5.71 30.51
CA LYS A 193 3.23 -4.56 31.05
C LYS A 193 2.38 -3.91 29.95
N ASN A 194 1.43 -4.70 29.45
CA ASN A 194 0.51 -4.28 28.38
C ASN A 194 1.26 -3.49 27.30
N LEU A 195 2.36 -4.06 26.84
CA LEU A 195 3.09 -3.54 25.69
C LEU A 195 3.56 -4.72 24.84
N HIS A 196 3.15 -4.74 23.59
CA HIS A 196 3.42 -5.86 22.69
C HIS A 196 4.76 -5.66 21.99
N PHE A 197 5.66 -6.61 22.15
CA PHE A 197 6.97 -6.58 21.52
C PHE A 197 7.05 -7.66 20.44
N ARG A 198 7.61 -7.29 19.28
CA ARG A 198 7.88 -8.23 18.21
C ARG A 198 9.38 -8.23 17.95
N LEU A 199 10.02 -9.38 18.08
CA LEU A 199 11.46 -9.51 17.95
C LEU A 199 11.80 -10.41 16.77
N PHE A 200 12.77 -9.97 15.98
CA PHE A 200 13.23 -10.72 14.82
C PHE A 200 14.71 -11.01 14.95
N ASP A 201 15.12 -12.21 14.54
CA ASP A 201 16.52 -12.63 14.57
C ASP A 201 16.84 -13.29 13.24
N VAL A 202 17.43 -12.53 12.32
CA VAL A 202 17.78 -13.05 10.99
C VAL A 202 19.18 -13.65 11.13
N GLY A 203 19.21 -14.91 11.56
CA GLY A 203 20.46 -15.62 11.74
C GLY A 203 20.66 -16.71 10.70
N GLY A 204 19.56 -17.32 10.25
CA GLY A 204 19.64 -18.37 9.27
C GLY A 204 20.06 -17.91 7.88
N GLN A 205 19.87 -16.63 7.59
CA GLN A 205 20.19 -16.09 6.26
C GLN A 205 21.70 -16.06 6.10
N ARG A 206 22.22 -17.01 5.32
CA ARG A 206 23.66 -17.07 5.06
C ARG A 206 24.11 -16.14 3.95
N SER A 207 23.17 -15.55 3.21
CA SER A 207 23.53 -14.67 2.10
C SER A 207 24.07 -13.34 2.65
N GLU A 208 24.61 -12.53 1.75
CA GLU A 208 25.15 -11.23 2.14
C GLU A 208 24.04 -10.34 2.67
N ARG A 209 24.36 -9.54 3.68
CA ARG A 209 23.35 -8.74 4.35
C ARG A 209 23.14 -7.38 3.72
N LYS A 210 24.13 -6.85 2.99
CA LYS A 210 23.95 -5.53 2.39
C LYS A 210 22.71 -5.50 1.51
N LYS A 211 22.45 -6.59 0.80
CA LYS A 211 21.12 -6.83 0.27
C LYS A 211 20.22 -7.30 1.41
N TRP A 212 18.95 -6.93 1.33
CA TRP A 212 17.90 -7.32 2.28
C TRP A 212 18.09 -6.72 3.67
N ILE A 213 19.19 -5.99 3.94
CA ILE A 213 19.21 -5.24 5.18
C ILE A 213 18.18 -4.13 5.18
N HIS A 214 17.89 -3.57 4.00
CA HIS A 214 16.97 -2.43 3.92
C HIS A 214 15.56 -2.77 4.35
N CYS A 215 15.22 -4.06 4.45
CA CYS A 215 13.85 -4.43 4.83
C CYS A 215 13.51 -3.88 6.21
N PHE A 216 14.43 -4.00 7.16
CA PHE A 216 14.19 -3.55 8.53
C PHE A 216 14.63 -2.10 8.74
N GLU A 217 14.17 -1.20 7.86
CA GLU A 217 14.55 0.20 8.01
C GLU A 217 13.66 0.92 9.02
N ASP A 218 12.38 0.60 9.06
CA ASP A 218 11.45 1.24 9.98
C ASP A 218 11.25 0.38 11.23
N VAL A 219 12.34 0.23 11.98
CA VAL A 219 12.35 -0.55 13.21
C VAL A 219 12.66 0.39 14.38
N THR A 220 11.98 0.15 15.50
CA THR A 220 12.13 1.03 16.65
C THR A 220 13.58 1.08 17.12
N ALA A 221 14.21 -0.08 17.27
CA ALA A 221 15.58 -0.16 17.73
C ALA A 221 16.12 -1.54 17.42
N ILE A 222 17.41 -1.72 17.62
CA ILE A 222 18.07 -2.99 17.40
C ILE A 222 18.85 -3.39 18.64
N ILE A 223 19.14 -4.68 18.74
CA ILE A 223 19.84 -5.25 19.90
C ILE A 223 21.09 -5.94 19.41
N PHE A 224 22.21 -5.69 20.08
CA PHE A 224 23.51 -6.25 19.72
C PHE A 224 24.09 -6.97 20.93
N CYS A 225 24.74 -8.11 20.67
CA CYS A 225 25.31 -8.94 21.72
C CYS A 225 26.73 -9.31 21.38
N VAL A 226 27.61 -9.32 22.38
CA VAL A 226 29.01 -9.68 22.24
C VAL A 226 29.49 -10.35 23.53
N ALA A 227 30.75 -10.79 23.52
CA ALA A 227 31.33 -11.47 24.65
C ALA A 227 32.85 -11.43 24.51
N LEU A 228 33.60 -11.20 25.60
CA LEU A 228 33.16 -11.03 26.99
C LEU A 228 32.28 -12.21 27.39
N SER A 229 32.85 -13.41 27.54
CA SER A 229 34.30 -13.59 27.66
C SER A 229 35.07 -13.61 26.35
N GLY A 230 34.79 -14.60 25.50
CA GLY A 230 35.68 -14.94 24.40
C GLY A 230 36.22 -13.75 23.64
N TYR A 231 37.53 -13.53 23.73
CA TYR A 231 38.19 -12.47 22.97
C TYR A 231 39.53 -12.90 22.39
N ASP A 232 39.82 -14.19 22.33
CA ASP A 232 41.06 -14.69 21.73
C ASP A 232 40.80 -15.85 20.77
N GLN A 233 39.55 -16.15 20.45
CA GLN A 233 39.25 -17.32 19.62
C GLN A 233 39.57 -17.08 18.15
N VAL A 234 39.47 -15.84 17.69
CA VAL A 234 39.63 -15.50 16.27
C VAL A 234 39.05 -16.58 15.37
N ASN A 242 40.95 -10.49 15.84
CA ASN A 242 40.31 -11.60 16.54
C ASN A 242 38.81 -11.35 16.66
N ARG A 243 38.18 -11.99 17.65
CA ARG A 243 36.74 -11.86 17.81
C ARG A 243 36.34 -10.42 18.10
N MET A 244 37.08 -9.73 18.97
CA MET A 244 36.77 -8.34 19.25
C MET A 244 36.91 -7.47 18.02
N HIS A 245 37.96 -7.67 17.23
CA HIS A 245 38.12 -6.87 16.01
C HIS A 245 36.97 -7.14 15.05
N GLU A 246 36.59 -8.41 14.88
CA GLU A 246 35.49 -8.74 13.98
C GLU A 246 34.19 -8.11 14.46
N SER A 247 33.89 -8.24 15.75
CA SER A 247 32.67 -7.66 16.29
C SER A 247 32.68 -6.15 16.14
N LEU A 248 33.82 -5.52 16.41
CA LEU A 248 33.90 -4.07 16.33
C LEU A 248 33.69 -3.58 14.89
N MET A 249 34.31 -4.25 13.92
CA MET A 249 34.13 -3.82 12.53
C MET A 249 32.70 -4.07 12.07
N LEU A 250 32.09 -5.19 12.48
CA LEU A 250 30.70 -5.42 12.13
C LEU A 250 29.79 -4.36 12.74
N PHE A 251 30.04 -4.02 14.01
CA PHE A 251 29.24 -2.99 14.67
C PHE A 251 29.39 -1.65 13.96
N ASP A 252 30.62 -1.30 13.57
CA ASP A 252 30.84 -0.06 12.83
C ASP A 252 30.08 -0.07 11.51
N SER A 253 30.17 -1.18 10.78
CA SER A 253 29.51 -1.27 9.48
C SER A 253 28.00 -1.11 9.62
N ILE A 254 27.40 -1.76 10.61
CA ILE A 254 25.96 -1.65 10.77
C ILE A 254 25.53 -0.31 11.35
N CYS A 255 26.40 0.34 12.13
CA CYS A 255 26.06 1.62 12.74
C CYS A 255 26.29 2.79 11.80
N ASN A 256 27.03 2.61 10.71
CA ASN A 256 27.23 3.65 9.71
C ASN A 256 26.72 3.12 8.37
N ASN A 257 25.45 3.39 8.08
CA ASN A 257 24.82 3.01 6.83
C ASN A 257 24.11 4.22 6.23
N LYS A 258 23.98 4.21 4.90
CA LYS A 258 23.34 5.34 4.21
C LYS A 258 21.94 5.56 4.77
N PHE A 259 21.16 4.50 4.90
CA PHE A 259 19.93 4.52 5.67
C PHE A 259 20.22 3.88 7.03
N PHE A 260 19.19 3.66 7.84
CA PHE A 260 19.35 3.01 9.13
C PHE A 260 20.23 3.84 10.07
N ILE A 261 20.36 5.14 9.79
CA ILE A 261 21.31 5.99 10.49
C ILE A 261 20.77 6.60 11.76
N ASP A 262 19.46 6.69 11.89
CA ASP A 262 18.91 7.31 13.06
C ASP A 262 18.13 6.40 13.97
N THR A 263 18.55 5.17 14.07
CA THR A 263 17.94 4.16 14.93
C THR A 263 18.84 3.93 16.14
N SER A 264 18.28 4.07 17.33
CA SER A 264 19.05 3.84 18.54
C SER A 264 19.46 2.38 18.65
N ILE A 265 20.51 2.13 19.42
CA ILE A 265 21.11 0.82 19.55
C ILE A 265 21.12 0.42 21.03
N ILE A 266 20.71 -0.81 21.30
CA ILE A 266 20.83 -1.41 22.63
C ILE A 266 21.92 -2.47 22.56
N LEU A 267 22.93 -2.33 23.40
CA LEU A 267 24.10 -3.19 23.39
C LEU A 267 24.13 -4.03 24.66
N PHE A 268 24.24 -5.34 24.51
CA PHE A 268 24.29 -6.28 25.63
C PHE A 268 25.67 -6.91 25.72
N LEU A 269 26.21 -6.94 26.93
CA LEU A 269 27.48 -7.60 27.22
C LEU A 269 27.17 -8.80 28.10
N ASN A 270 26.82 -9.91 27.46
CA ASN A 270 26.46 -11.13 28.17
C ASN A 270 27.71 -11.90 28.57
N LYS A 271 27.52 -12.94 29.38
CA LYS A 271 28.60 -13.82 29.84
C LYS A 271 29.60 -13.03 30.69
N LYS A 272 29.08 -12.40 31.74
CA LYS A 272 29.94 -11.67 32.67
C LYS A 272 30.88 -12.61 33.42
N ASP A 273 30.35 -13.76 33.88
CA ASP A 273 31.13 -14.61 34.76
C ASP A 273 32.35 -15.20 34.06
N LEU A 274 32.17 -15.67 32.82
CA LEU A 274 33.29 -16.26 32.10
C LEU A 274 34.39 -15.23 31.86
N PHE A 275 34.01 -14.00 31.51
CA PHE A 275 35.00 -12.94 31.33
C PHE A 275 35.71 -12.64 32.64
N GLY A 276 34.96 -12.53 33.73
CA GLY A 276 35.56 -12.24 35.01
C GLY A 276 36.55 -13.29 35.45
N GLU A 277 36.22 -14.57 35.25
CA GLU A 277 37.15 -15.65 35.56
C GLU A 277 38.33 -15.69 34.60
N LYS A 278 38.11 -15.32 33.34
CA LYS A 278 39.22 -15.32 32.37
C LYS A 278 40.25 -14.26 32.71
N ILE A 279 39.80 -13.09 33.17
CA ILE A 279 40.75 -12.00 33.41
C ILE A 279 41.80 -12.39 34.45
N LYS A 280 41.35 -12.68 35.68
CA LYS A 280 42.29 -12.80 36.79
C LYS A 280 43.32 -13.90 36.59
N LYS A 281 43.02 -14.92 35.79
CA LYS A 281 43.98 -15.99 35.57
C LYS A 281 44.88 -15.72 34.36
N SER A 282 44.35 -15.07 33.32
CA SER A 282 45.11 -14.78 32.10
C SER A 282 44.92 -13.31 31.75
N PRO A 283 45.44 -12.41 32.57
CA PRO A 283 45.29 -10.98 32.27
C PRO A 283 46.30 -10.52 31.23
N LEU A 284 45.90 -9.64 30.31
CA LEU A 284 44.51 -9.24 30.04
C LEU A 284 43.89 -9.81 28.75
N THR A 285 44.60 -9.93 27.62
CA THR A 285 46.00 -9.54 27.44
C THR A 285 46.29 -8.04 27.47
N ILE A 286 45.55 -7.19 26.72
CA ILE A 286 44.53 -7.57 25.75
C ILE A 286 45.13 -7.53 24.35
N CYS A 287 44.41 -8.11 23.38
CA CYS A 287 44.80 -7.97 21.99
C CYS A 287 44.94 -6.49 21.63
N PHE A 288 44.11 -5.64 22.20
CA PHE A 288 44.26 -4.21 22.03
C PHE A 288 45.59 -3.76 22.62
N PRO A 289 46.48 -3.13 21.84
CA PRO A 289 47.70 -2.58 22.44
C PRO A 289 47.43 -1.27 23.16
N GLU A 290 48.48 -0.60 23.62
CA GLU A 290 48.39 0.72 24.24
C GLU A 290 47.20 0.85 25.17
N TYR A 291 46.90 -0.20 25.93
CA TYR A 291 45.83 -0.12 26.91
C TYR A 291 46.21 0.86 28.02
N THR A 292 47.27 0.55 28.75
CA THR A 292 47.82 1.45 29.78
C THR A 292 46.74 1.91 30.75
N GLY A 293 46.20 0.93 31.47
CA GLY A 293 45.21 1.19 32.49
C GLY A 293 45.29 0.16 33.60
N PRO A 294 44.45 0.32 34.62
CA PRO A 294 44.42 -0.66 35.71
C PRO A 294 44.01 -2.02 35.19
N ASN A 295 44.57 -3.06 35.81
CA ASN A 295 44.40 -4.41 35.30
C ASN A 295 42.96 -4.89 35.40
N THR A 296 42.36 -4.78 36.59
CA THR A 296 41.03 -5.33 36.82
C THR A 296 40.24 -4.40 37.72
N TYR A 297 38.90 -4.49 37.69
CA TYR A 297 38.10 -5.30 36.75
C TYR A 297 37.19 -4.39 35.94
N GLU A 298 36.46 -3.55 36.67
CA GLU A 298 35.64 -2.53 36.04
C GLU A 298 36.47 -1.62 35.15
N ASP A 299 37.76 -1.49 35.42
CA ASP A 299 38.65 -0.75 34.52
C ASP A 299 38.49 -1.27 33.10
N ALA A 300 38.81 -2.55 32.88
CA ALA A 300 38.75 -3.12 31.55
C ALA A 300 37.31 -3.19 31.05
N ALA A 301 36.36 -3.48 31.95
CA ALA A 301 34.97 -3.54 31.54
C ALA A 301 34.54 -2.23 30.89
N ALA A 302 34.73 -1.12 31.61
CA ALA A 302 34.37 0.18 31.09
C ALA A 302 35.24 0.58 29.91
N TYR A 303 36.49 0.12 29.87
CA TYR A 303 37.34 0.46 28.74
C TYR A 303 36.79 -0.12 27.44
N ILE A 304 36.44 -1.41 27.44
CA ILE A 304 35.88 -2.02 26.25
C ILE A 304 34.50 -1.43 25.96
N GLN A 305 33.72 -1.16 27.01
CA GLN A 305 32.43 -0.53 26.80
C GLN A 305 32.59 0.78 26.02
N ALA A 306 33.46 1.65 26.52
CA ALA A 306 33.70 2.93 25.86
C ALA A 306 34.25 2.74 24.45
N GLN A 307 35.14 1.76 24.26
CA GLN A 307 35.60 1.45 22.92
C GLN A 307 34.43 1.17 22.00
N PHE A 308 33.38 0.54 22.52
CA PHE A 308 32.22 0.26 21.69
C PHE A 308 31.32 1.50 21.50
N GLU A 309 31.11 2.31 22.54
CA GLU A 309 30.36 3.54 22.30
C GLU A 309 31.11 4.49 21.38
N SER A 310 32.40 4.26 21.15
CA SER A 310 33.14 5.07 20.20
C SER A 310 32.59 4.83 18.81
N LYS A 311 33.20 5.49 17.81
CA LYS A 311 32.75 5.41 16.42
C LYS A 311 31.23 5.49 16.32
N ASN A 312 30.63 6.42 17.06
CA ASN A 312 29.22 6.77 16.94
C ASN A 312 29.19 8.22 16.45
N ARG A 313 29.29 8.39 15.13
CA ARG A 313 29.44 9.72 14.57
C ARG A 313 28.21 10.57 14.78
N SER A 314 27.04 10.04 14.42
CA SER A 314 25.84 10.86 14.34
C SER A 314 25.40 11.33 15.72
N PRO A 315 24.87 12.55 15.82
CA PRO A 315 24.22 12.96 17.08
C PRO A 315 22.81 12.39 17.18
N ASN A 316 22.04 12.88 18.13
CA ASN A 316 20.67 12.43 18.25
C ASN A 316 20.44 10.94 18.07
N LYS A 317 21.33 10.14 18.59
CA LYS A 317 21.16 8.70 18.53
C LYS A 317 22.00 8.09 19.64
N GLU A 318 21.35 7.49 20.63
CA GLU A 318 22.00 7.05 21.84
C GLU A 318 22.27 5.55 21.79
N ILE A 319 23.33 5.13 22.47
CA ILE A 319 23.70 3.74 22.61
C ILE A 319 23.56 3.37 24.08
N TYR A 320 22.61 2.51 24.39
CA TYR A 320 22.43 2.00 25.74
C TYR A 320 23.31 0.76 25.93
N CYS A 321 23.56 0.42 27.19
CA CYS A 321 24.41 -0.73 27.48
C CYS A 321 23.97 -1.38 28.79
N HIS A 322 24.36 -2.64 28.93
CA HIS A 322 24.12 -3.43 30.14
C HIS A 322 24.92 -4.72 30.01
N MET A 323 25.42 -5.19 31.16
CA MET A 323 26.25 -6.39 31.22
C MET A 323 25.46 -7.48 31.92
N THR A 324 25.31 -8.62 31.24
CA THR A 324 24.49 -9.72 31.72
C THR A 324 25.36 -10.94 32.02
N CYS A 325 25.00 -11.67 33.07
CA CYS A 325 25.75 -12.84 33.50
C CYS A 325 25.25 -14.14 32.88
N ALA A 326 24.33 -14.06 31.92
CA ALA A 326 23.70 -15.24 31.31
C ALA A 326 22.77 -15.96 32.28
N THR A 327 22.51 -15.36 33.45
CA THR A 327 21.56 -15.93 34.40
C THR A 327 20.70 -14.85 35.05
N ASP A 328 20.71 -13.62 34.54
CA ASP A 328 19.96 -12.52 35.11
C ASP A 328 18.55 -12.72 34.57
N THR A 329 17.57 -12.13 35.25
CA THR A 329 16.15 -12.30 34.90
C THR A 329 15.56 -10.90 34.86
N ASN A 330 16.34 -9.90 34.44
CA ASN A 330 15.85 -8.53 34.35
C ASN A 330 16.16 -7.89 33.00
N ASN A 331 16.58 -8.67 32.00
CA ASN A 331 16.86 -8.09 30.70
C ASN A 331 15.62 -7.44 30.09
N ILE A 332 14.45 -8.01 30.36
CA ILE A 332 13.22 -7.39 29.88
C ILE A 332 13.04 -6.01 30.51
N GLN A 333 13.45 -5.86 31.77
CA GLN A 333 13.33 -4.56 32.42
C GLN A 333 14.19 -3.50 31.73
N VAL A 334 15.44 -3.84 31.42
CA VAL A 334 16.32 -2.88 30.77
C VAL A 334 15.84 -2.58 29.36
N VAL A 335 15.33 -3.60 28.66
CA VAL A 335 14.77 -3.37 27.34
C VAL A 335 13.58 -2.42 27.43
N PHE A 336 12.72 -2.61 28.43
CA PHE A 336 11.57 -1.74 28.63
C PHE A 336 12.01 -0.31 28.87
N ASP A 337 13.01 -0.13 29.75
CA ASP A 337 13.52 1.21 30.02
C ASP A 337 14.09 1.85 28.75
N ALA A 338 14.85 1.08 27.98
CA ALA A 338 15.43 1.63 26.77
C ALA A 338 14.35 2.05 25.78
N VAL A 339 13.32 1.22 25.60
CA VAL A 339 12.29 1.55 24.62
C VAL A 339 11.48 2.75 25.07
N THR A 340 11.16 2.85 26.36
CA THR A 340 10.43 4.02 26.82
C THR A 340 11.27 5.28 26.65
N ASP A 341 12.58 5.20 26.93
CA ASP A 341 13.43 6.36 26.70
C ASP A 341 13.47 6.73 25.22
N ILE A 342 13.53 5.73 24.35
CA ILE A 342 13.60 6.00 22.91
C ILE A 342 12.32 6.67 22.43
N ILE A 343 11.17 6.19 22.90
CA ILE A 343 9.91 6.78 22.45
C ILE A 343 9.76 8.19 23.01
N ILE A 344 10.22 8.42 24.24
CA ILE A 344 10.20 9.78 24.78
C ILE A 344 11.04 10.65 23.86
N ALA A 345 12.28 10.25 23.60
CA ALA A 345 13.12 11.00 22.68
C ALA A 345 12.45 11.30 21.35
N ASN A 346 11.74 10.32 20.80
CA ASN A 346 11.01 10.55 19.56
C ASN A 346 9.95 11.63 19.74
N ASN A 347 9.24 11.62 20.86
CA ASN A 347 8.18 12.60 21.10
C ASN A 347 8.61 14.07 21.10
N LEU A 348 9.71 14.38 21.77
CA LEU A 348 10.23 15.71 21.77
C LEU A 348 10.82 15.95 20.43
N ARG A 349 11.19 14.90 19.72
CA ARG A 349 11.77 15.09 18.39
C ARG A 349 10.78 15.83 17.48
N GLY A 350 9.54 15.34 17.48
CA GLY A 350 8.49 15.93 16.68
C GLY A 350 8.22 17.31 17.23
N CYS A 351 8.18 17.38 18.55
CA CYS A 351 7.99 18.64 19.23
C CYS A 351 9.41 19.15 19.36
N GLY A 352 10.00 19.49 18.23
CA GLY A 352 11.35 19.97 18.20
C GLY A 352 11.38 21.47 18.14
N LEU A 353 12.06 22.06 19.12
CA LEU A 353 12.73 21.30 20.17
C LEU A 353 13.68 20.28 19.57
N TYR A 354 14.35 20.68 18.49
CA TYR A 354 15.31 19.81 17.81
N LEU B 16 43.28 -28.54 -14.82
CA LEU B 16 44.07 -27.34 -14.58
C LEU B 16 43.23 -26.08 -14.72
N ARG B 17 43.31 -25.20 -13.72
CA ARG B 17 42.69 -23.89 -13.84
C ARG B 17 43.31 -23.10 -14.98
N GLN B 18 44.58 -23.37 -15.29
CA GLN B 18 45.21 -22.72 -16.43
C GLN B 18 44.57 -23.16 -17.75
N GLU B 19 44.06 -24.39 -17.82
CA GLU B 19 43.30 -24.79 -18.99
C GLU B 19 41.95 -24.08 -19.04
N ALA B 20 41.33 -23.86 -17.88
CA ALA B 20 40.07 -23.10 -17.85
C ALA B 20 40.28 -21.68 -18.37
N GLU B 21 41.34 -21.02 -17.92
CA GLU B 21 41.61 -19.67 -18.41
C GLU B 21 42.11 -19.67 -19.85
N GLN B 22 42.75 -20.75 -20.30
CA GLN B 22 43.07 -20.85 -21.72
C GLN B 22 41.81 -20.94 -22.58
N LEU B 23 40.83 -21.74 -22.13
CA LEU B 23 39.55 -21.79 -22.82
C LEU B 23 38.86 -20.43 -22.78
N LYS B 24 38.93 -19.73 -21.64
CA LYS B 24 38.37 -18.40 -21.57
C LYS B 24 39.05 -17.46 -22.56
N ASN B 25 40.38 -17.53 -22.67
CA ASN B 25 41.10 -16.67 -23.59
C ASN B 25 40.71 -16.96 -25.03
N GLN B 26 40.65 -18.24 -25.40
CA GLN B 26 40.34 -18.57 -26.79
C GLN B 26 38.90 -18.23 -27.14
N ILE B 27 37.96 -18.44 -26.21
CA ILE B 27 36.59 -18.06 -26.50
C ILE B 27 36.44 -16.54 -26.57
N ARG B 28 37.16 -15.80 -25.71
CA ARG B 28 37.14 -14.35 -25.82
C ARG B 28 37.71 -13.91 -27.17
N ASP B 29 38.78 -14.55 -27.62
CA ASP B 29 39.35 -14.22 -28.92
C ASP B 29 38.36 -14.50 -30.04
N ALA B 30 37.65 -15.63 -29.97
CA ALA B 30 36.65 -15.94 -30.99
C ALA B 30 35.53 -14.90 -30.98
N ARG B 31 35.05 -14.52 -29.79
CA ARG B 31 34.02 -13.49 -29.72
C ARG B 31 34.51 -12.18 -30.32
N LYS B 32 35.74 -11.78 -30.00
CA LYS B 32 36.30 -10.56 -30.57
C LYS B 32 36.38 -10.66 -32.08
N ALA B 33 36.79 -11.82 -32.60
CA ALA B 33 36.84 -12.04 -34.04
C ALA B 33 35.45 -12.01 -34.67
N CYS B 34 34.40 -12.25 -33.88
CA CYS B 34 33.03 -12.21 -34.37
C CYS B 34 32.35 -10.87 -34.05
N ALA B 35 33.10 -9.77 -34.06
CA ALA B 35 32.56 -8.45 -33.76
C ALA B 35 33.00 -7.46 -34.82
N ASP B 36 32.05 -6.70 -35.35
CA ASP B 36 32.31 -5.66 -36.33
C ASP B 36 31.61 -4.35 -36.00
N ALA B 37 30.51 -4.41 -35.25
CA ALA B 37 29.70 -3.25 -34.91
C ALA B 37 29.44 -3.26 -33.40
N THR B 38 29.42 -2.10 -32.73
CA THR B 38 29.62 -0.72 -33.25
C THR B 38 28.88 -0.39 -34.54
N LEU B 39 27.55 -0.25 -34.56
CA LEU B 39 26.65 0.14 -33.45
C LEU B 39 27.00 1.51 -32.86
N SER B 40 27.88 2.25 -33.54
CA SER B 40 28.11 3.65 -33.26
C SER B 40 27.88 4.54 -34.47
N GLN B 41 28.03 3.99 -35.68
CA GLN B 41 27.71 4.68 -36.91
C GLN B 41 26.44 4.15 -37.57
N ILE B 42 26.17 2.86 -37.45
CA ILE B 42 24.94 2.28 -37.95
C ILE B 42 23.80 2.72 -37.03
N THR B 43 22.59 2.74 -37.56
CA THR B 43 21.37 3.18 -36.87
C THR B 43 21.37 4.69 -36.64
N ASN B 44 22.39 5.42 -37.08
CA ASN B 44 22.44 6.86 -36.85
C ASN B 44 21.44 7.61 -37.72
N ASN B 45 21.00 7.01 -38.83
CA ASN B 45 20.21 7.72 -39.81
C ASN B 45 18.71 7.67 -39.55
N ILE B 46 18.25 6.87 -38.58
CA ILE B 46 16.81 6.76 -38.34
C ILE B 46 16.32 8.05 -37.68
N ASP B 47 15.01 8.22 -37.61
CA ASP B 47 14.40 9.42 -37.07
C ASP B 47 14.36 9.34 -35.54
N PRO B 48 15.22 10.06 -34.83
CA PRO B 48 15.19 9.99 -33.36
C PRO B 48 13.84 10.45 -32.83
N VAL B 49 13.38 9.75 -31.79
CA VAL B 49 12.05 10.03 -31.23
C VAL B 49 12.00 11.35 -30.49
N GLY B 50 13.15 11.92 -30.12
CA GLY B 50 13.13 13.16 -29.38
C GLY B 50 12.52 12.96 -27.99
N ARG B 51 12.12 14.08 -27.40
CA ARG B 51 11.51 14.05 -26.08
C ARG B 51 10.09 13.50 -26.16
N ILE B 52 9.71 12.71 -25.15
CA ILE B 52 8.38 12.13 -25.06
C ILE B 52 7.75 12.60 -23.75
N GLN B 53 6.53 13.11 -23.84
CA GLN B 53 5.82 13.62 -22.68
C GLN B 53 4.91 12.54 -22.10
N MET B 54 5.00 12.33 -20.79
CA MET B 54 4.19 11.35 -20.09
C MET B 54 3.46 12.03 -18.95
N ARG B 55 2.24 11.57 -18.67
CA ARG B 55 1.40 12.15 -17.64
C ARG B 55 0.78 11.06 -16.81
N THR B 56 0.79 11.24 -15.49
CA THR B 56 0.13 10.30 -14.60
C THR B 56 -1.37 10.29 -14.87
N ARG B 57 -1.99 9.13 -14.73
CA ARG B 57 -3.41 8.96 -14.97
C ARG B 57 -4.18 8.56 -13.72
N ARG B 58 -3.68 7.58 -12.96
CA ARG B 58 -4.32 7.14 -11.74
C ARG B 58 -3.28 7.08 -10.63
N THR B 59 -3.78 6.97 -9.40
CA THR B 59 -2.91 6.82 -8.24
C THR B 59 -3.60 5.89 -7.25
N LEU B 60 -2.93 4.80 -6.90
CA LEU B 60 -3.48 3.77 -6.02
C LEU B 60 -2.88 4.00 -4.63
N ARG B 61 -3.74 4.30 -3.66
CA ARG B 61 -3.31 4.77 -2.35
C ARG B 61 -3.95 3.94 -1.25
N GLY B 62 -3.88 2.62 -1.39
CA GLY B 62 -4.46 1.73 -0.40
C GLY B 62 -3.45 1.15 0.57
N HIS B 63 -2.19 1.08 0.17
CA HIS B 63 -1.16 0.43 0.98
C HIS B 63 -0.78 1.32 2.16
N LEU B 64 0.10 0.79 3.01
CA LEU B 64 0.53 1.49 4.20
C LEU B 64 2.04 1.44 4.44
N ALA B 65 2.81 0.78 3.58
CA ALA B 65 4.24 0.64 3.79
C ALA B 65 4.91 0.44 2.44
N LYS B 66 6.19 0.07 2.47
CA LYS B 66 6.95 -0.08 1.24
C LYS B 66 6.36 -1.16 0.36
N ILE B 67 6.44 -0.96 -0.94
CA ILE B 67 6.03 -1.95 -1.93
C ILE B 67 7.24 -2.29 -2.79
N TYR B 68 7.51 -3.58 -2.97
CA TYR B 68 8.70 -4.04 -3.67
C TYR B 68 8.43 -4.70 -5.01
N ALA B 69 7.22 -5.13 -5.30
CA ALA B 69 6.99 -5.84 -6.55
C ALA B 69 5.54 -5.69 -7.00
N MET B 70 5.35 -5.68 -8.31
CA MET B 70 4.03 -5.62 -8.92
C MET B 70 4.10 -6.35 -10.25
N HIS B 71 2.94 -6.82 -10.71
CA HIS B 71 2.88 -7.56 -11.96
C HIS B 71 1.54 -7.31 -12.64
N TRP B 72 1.58 -7.20 -13.96
CA TRP B 72 0.37 -7.02 -14.74
C TRP B 72 -0.26 -8.37 -15.07
N GLY B 73 -1.59 -8.36 -15.25
CA GLY B 73 -2.28 -9.54 -15.70
C GLY B 73 -2.26 -9.67 -17.21
N THR B 74 -2.66 -10.85 -17.68
CA THR B 74 -2.72 -11.07 -19.12
C THR B 74 -3.82 -10.24 -19.76
N ASP B 75 -4.90 -9.97 -19.04
CA ASP B 75 -5.96 -9.12 -19.54
C ASP B 75 -5.55 -7.67 -19.69
N SER B 76 -4.38 -7.29 -19.17
CA SER B 76 -3.86 -5.93 -19.26
C SER B 76 -4.72 -4.93 -18.51
N ARG B 77 -5.50 -5.36 -17.54
CA ARG B 77 -6.31 -4.46 -16.73
C ARG B 77 -6.11 -4.64 -15.23
N LEU B 78 -5.90 -5.88 -14.78
CA LEU B 78 -5.70 -6.15 -13.37
C LEU B 78 -4.21 -6.29 -13.07
N LEU B 79 -3.85 -5.99 -11.82
CA LEU B 79 -2.47 -6.12 -11.37
C LEU B 79 -2.46 -6.38 -9.88
N VAL B 80 -1.34 -6.94 -9.41
CA VAL B 80 -1.16 -7.30 -8.01
C VAL B 80 0.12 -6.66 -7.50
N SER B 81 0.08 -6.15 -6.28
CA SER B 81 1.23 -5.50 -5.65
C SER B 81 1.42 -6.05 -4.25
N ALA B 82 2.68 -6.13 -3.82
CA ALA B 82 3.05 -6.68 -2.53
C ALA B 82 3.75 -5.63 -1.69
N SER B 83 3.43 -5.58 -0.41
CA SER B 83 3.99 -4.59 0.51
C SER B 83 4.31 -5.26 1.84
N GLN B 84 5.17 -4.59 2.62
CA GLN B 84 5.66 -5.16 3.88
C GLN B 84 4.61 -5.19 4.97
N ASP B 85 3.46 -4.52 4.80
CA ASP B 85 2.42 -4.60 5.81
C ASP B 85 1.83 -6.00 5.93
N GLY B 86 2.12 -6.88 4.98
CA GLY B 86 1.65 -8.25 5.03
C GLY B 86 0.32 -8.44 4.35
N LYS B 87 0.14 -7.82 3.18
CA LYS B 87 -1.12 -7.90 2.47
C LYS B 87 -0.85 -7.83 0.97
N LEU B 88 -1.71 -8.50 0.20
CA LEU B 88 -1.69 -8.45 -1.25
C LEU B 88 -3.00 -7.85 -1.73
N ILE B 89 -2.90 -6.96 -2.72
CA ILE B 89 -4.06 -6.23 -3.24
C ILE B 89 -4.16 -6.48 -4.74
N ILE B 90 -5.37 -6.80 -5.20
CA ILE B 90 -5.66 -6.99 -6.61
C ILE B 90 -6.43 -5.76 -7.06
N TRP B 91 -5.74 -4.84 -7.74
CA TRP B 91 -6.34 -3.58 -8.14
C TRP B 91 -7.02 -3.70 -9.50
N ASP B 92 -8.01 -2.85 -9.71
CA ASP B 92 -8.62 -2.65 -11.03
C ASP B 92 -8.12 -1.31 -11.56
N SER B 93 -7.23 -1.36 -12.55
CA SER B 93 -6.58 -0.13 -13.00
C SER B 93 -7.60 0.86 -13.58
N TYR B 94 -8.62 0.37 -14.28
CA TYR B 94 -9.57 1.27 -14.91
C TYR B 94 -10.40 2.04 -13.90
N THR B 95 -10.68 1.44 -12.74
CA THR B 95 -11.51 2.08 -11.73
C THR B 95 -10.83 2.22 -10.37
N THR B 96 -9.61 1.73 -10.22
CA THR B 96 -8.89 1.80 -8.95
C THR B 96 -9.68 1.13 -7.82
N ASN B 97 -10.35 0.03 -8.13
CA ASN B 97 -11.12 -0.71 -7.13
C ASN B 97 -10.30 -1.88 -6.62
N LYS B 98 -10.36 -2.10 -5.31
CA LYS B 98 -9.62 -3.19 -4.67
C LYS B 98 -10.44 -4.46 -4.80
N VAL B 99 -10.08 -5.31 -5.77
CA VAL B 99 -10.83 -6.53 -6.00
C VAL B 99 -10.69 -7.49 -4.83
N HIS B 100 -9.46 -7.70 -4.37
CA HIS B 100 -9.20 -8.66 -3.30
C HIS B 100 -8.16 -8.10 -2.35
N ALA B 101 -8.22 -8.56 -1.10
CA ALA B 101 -7.21 -8.26 -0.08
C ALA B 101 -6.83 -9.56 0.59
N ILE B 102 -5.58 -9.98 0.41
CA ILE B 102 -5.10 -11.28 0.86
C ILE B 102 -4.17 -11.06 2.05
N PRO B 103 -4.49 -11.58 3.24
CA PRO B 103 -3.54 -11.47 4.35
C PRO B 103 -2.48 -12.58 4.27
N LEU B 104 -1.23 -12.18 4.39
CA LEU B 104 -0.12 -13.11 4.26
C LEU B 104 0.26 -13.72 5.60
N ARG B 105 0.81 -14.93 5.55
CA ARG B 105 1.25 -15.60 6.77
C ARG B 105 2.50 -14.94 7.34
N SER B 106 3.46 -14.60 6.48
CA SER B 106 4.69 -13.93 6.88
C SER B 106 4.69 -12.52 6.31
N SER B 107 4.88 -11.53 7.19
CA SER B 107 4.82 -10.14 6.76
C SER B 107 6.01 -9.74 5.89
N TRP B 108 7.03 -10.58 5.77
CA TRP B 108 8.23 -10.26 5.00
C TRP B 108 8.09 -10.86 3.61
N VAL B 109 7.79 -10.01 2.64
CA VAL B 109 7.62 -10.41 1.25
C VAL B 109 8.54 -9.57 0.39
N MET B 110 9.00 -10.14 -0.72
CA MET B 110 9.92 -9.45 -1.62
C MET B 110 9.59 -9.64 -3.09
N THR B 111 8.56 -10.41 -3.44
CA THR B 111 8.23 -10.64 -4.84
C THR B 111 6.79 -11.10 -4.94
N CYS B 112 6.25 -11.00 -6.17
CA CYS B 112 4.93 -11.51 -6.46
C CYS B 112 4.84 -11.78 -7.96
N ALA B 113 3.90 -12.62 -8.35
CA ALA B 113 3.70 -12.97 -9.74
C ALA B 113 2.24 -13.26 -9.99
N TYR B 114 1.82 -13.07 -11.24
CA TYR B 114 0.43 -13.25 -11.66
C TYR B 114 0.40 -14.35 -12.71
N ALA B 115 -0.41 -15.38 -12.46
CA ALA B 115 -0.46 -16.50 -13.39
C ALA B 115 -1.05 -16.05 -14.72
N PRO B 116 -0.56 -16.61 -15.84
CA PRO B 116 -1.14 -16.22 -17.14
C PRO B 116 -2.63 -16.51 -17.24
N SER B 117 -3.11 -17.60 -16.64
CA SER B 117 -4.52 -17.93 -16.67
C SER B 117 -5.35 -17.03 -15.78
N GLY B 118 -4.73 -16.29 -14.87
CA GLY B 118 -5.43 -15.40 -13.98
C GLY B 118 -6.06 -16.05 -12.78
N ASN B 119 -5.90 -17.36 -12.61
CA ASN B 119 -6.51 -18.06 -11.49
C ASN B 119 -5.61 -18.15 -10.27
N TYR B 120 -4.31 -17.90 -10.43
CA TYR B 120 -3.36 -18.09 -9.35
C TYR B 120 -2.43 -16.89 -9.24
N VAL B 121 -1.99 -16.61 -8.02
CA VAL B 121 -1.02 -15.56 -7.74
C VAL B 121 -0.06 -16.09 -6.69
N ALA B 122 1.23 -15.80 -6.87
CA ALA B 122 2.28 -16.31 -6.01
C ALA B 122 3.10 -15.16 -5.44
N CYS B 123 3.62 -15.35 -4.24
CA CYS B 123 4.46 -14.35 -3.59
C CYS B 123 5.36 -15.04 -2.57
N GLY B 124 6.50 -14.41 -2.29
CA GLY B 124 7.44 -14.95 -1.35
C GLY B 124 8.47 -13.90 -0.96
N GLY B 125 9.42 -14.31 -0.12
CA GLY B 125 10.44 -13.41 0.35
C GLY B 125 11.40 -14.03 1.33
N LEU B 126 11.69 -13.31 2.43
CA LEU B 126 12.67 -13.76 3.40
C LEU B 126 12.28 -15.06 4.09
N ASP B 127 11.02 -15.46 4.00
CA ASP B 127 10.57 -16.72 4.61
C ASP B 127 11.13 -17.95 3.91
N ASN B 128 11.77 -17.78 2.75
CA ASN B 128 12.42 -18.84 2.00
C ASN B 128 11.44 -19.85 1.41
N ILE B 129 10.15 -19.51 1.33
CA ILE B 129 9.16 -20.39 0.72
C ILE B 129 8.28 -19.56 -0.20
N CYS B 130 7.71 -20.24 -1.20
CA CYS B 130 6.82 -19.61 -2.18
C CYS B 130 5.42 -20.12 -1.95
N SER B 131 4.48 -19.20 -1.74
CA SER B 131 3.10 -19.54 -1.46
C SER B 131 2.24 -19.30 -2.69
N ILE B 132 1.40 -20.27 -3.03
CA ILE B 132 0.51 -20.19 -4.18
C ILE B 132 -0.91 -19.98 -3.67
N TYR B 133 -1.59 -18.99 -4.24
CA TYR B 133 -2.94 -18.63 -3.83
C TYR B 133 -3.90 -18.90 -4.97
N ASN B 134 -5.03 -19.51 -4.66
CA ASN B 134 -6.08 -19.80 -5.63
C ASN B 134 -7.14 -18.71 -5.55
N LEU B 135 -7.39 -18.05 -6.68
CA LEU B 135 -8.34 -16.94 -6.72
C LEU B 135 -9.77 -17.43 -6.97
N LYS B 136 -9.96 -18.30 -7.95
CA LYS B 136 -11.28 -18.82 -8.29
C LYS B 136 -11.57 -20.02 -7.41
N THR B 137 -12.31 -19.80 -6.34
CA THR B 137 -12.68 -20.85 -5.39
C THR B 137 -14.20 -20.94 -5.27
N ARG B 138 -14.67 -22.13 -4.89
CA ARG B 138 -16.10 -22.33 -4.75
C ARG B 138 -16.70 -21.46 -3.65
N GLU B 139 -15.96 -21.24 -2.57
CA GLU B 139 -16.45 -20.47 -1.44
C GLU B 139 -16.27 -18.97 -1.61
N GLY B 140 -15.67 -18.53 -2.71
CA GLY B 140 -15.53 -17.11 -2.95
C GLY B 140 -14.47 -16.41 -2.13
N ASN B 141 -13.58 -17.17 -1.50
CA ASN B 141 -12.48 -16.58 -0.75
C ASN B 141 -11.18 -17.27 -1.15
N VAL B 142 -10.11 -16.50 -1.17
CA VAL B 142 -8.81 -17.01 -1.60
C VAL B 142 -8.26 -17.96 -0.54
N ARG B 143 -7.42 -18.89 -0.98
CA ARG B 143 -6.81 -19.86 -0.09
C ARG B 143 -5.39 -20.16 -0.59
N VAL B 144 -4.56 -20.63 0.33
CA VAL B 144 -3.23 -21.12 -0.04
C VAL B 144 -3.36 -22.53 -0.59
N SER B 145 -2.84 -22.74 -1.79
CA SER B 145 -2.89 -24.05 -2.43
C SER B 145 -1.64 -24.87 -2.14
N ARG B 146 -0.46 -24.27 -2.28
CA ARG B 146 0.80 -24.96 -2.03
C ARG B 146 1.76 -24.01 -1.33
N GLU B 147 2.63 -24.59 -0.50
CA GLU B 147 3.70 -23.85 0.17
C GLU B 147 5.01 -24.49 -0.27
N LEU B 148 5.52 -24.03 -1.41
CA LEU B 148 6.75 -24.58 -1.97
C LEU B 148 7.93 -24.19 -1.09
N ALA B 149 8.47 -25.14 -0.33
CA ALA B 149 9.55 -24.90 0.62
C ALA B 149 10.69 -25.86 0.31
N GLY B 150 11.55 -25.49 -0.64
CA GLY B 150 12.74 -26.27 -0.94
C GLY B 150 14.01 -25.46 -0.86
N HIS B 151 13.89 -24.14 -1.03
CA HIS B 151 15.05 -23.27 -1.04
C HIS B 151 15.57 -23.04 0.38
N THR B 152 16.80 -22.53 0.47
CA THR B 152 17.44 -22.23 1.74
C THR B 152 17.52 -20.74 2.01
N GLY B 153 17.81 -19.93 0.99
CA GLY B 153 17.89 -18.50 1.15
C GLY B 153 16.55 -17.81 0.91
N TYR B 154 16.60 -16.49 0.92
CA TYR B 154 15.41 -15.70 0.68
C TYR B 154 15.01 -15.77 -0.79
N LEU B 155 13.70 -15.77 -1.04
CA LEU B 155 13.20 -15.74 -2.40
C LEU B 155 13.45 -14.38 -3.03
N SER B 156 13.68 -14.38 -4.35
CA SER B 156 14.02 -13.15 -5.05
C SER B 156 13.05 -12.86 -6.18
N CYS B 157 12.63 -13.89 -6.91
CA CYS B 157 11.74 -13.69 -8.04
C CYS B 157 10.95 -14.98 -8.29
N CYS B 158 9.78 -14.81 -8.89
CA CYS B 158 8.92 -15.93 -9.24
C CYS B 158 8.25 -15.64 -10.58
N ARG B 159 7.99 -16.71 -11.33
CA ARG B 159 7.31 -16.59 -12.61
C ARG B 159 6.54 -17.86 -12.90
N PHE B 160 5.37 -17.72 -13.51
CA PHE B 160 4.50 -18.85 -13.81
C PHE B 160 4.77 -19.31 -15.23
N LEU B 161 5.41 -20.48 -15.38
CA LEU B 161 5.54 -21.07 -16.70
C LEU B 161 4.18 -21.41 -17.28
N ASP B 162 3.30 -21.99 -16.46
CA ASP B 162 1.93 -22.27 -16.84
C ASP B 162 1.12 -22.38 -15.56
N ASP B 163 -0.09 -22.93 -15.66
CA ASP B 163 -0.95 -23.05 -14.49
C ASP B 163 -0.38 -23.99 -13.43
N ASN B 164 0.61 -24.82 -13.78
CA ASN B 164 1.14 -25.79 -12.83
C ASN B 164 2.66 -25.89 -12.92
N GLN B 165 3.35 -24.80 -13.26
CA GLN B 165 4.80 -24.78 -13.28
C GLN B 165 5.28 -23.38 -12.95
N ILE B 166 6.17 -23.28 -11.97
CA ILE B 166 6.66 -22.00 -11.47
C ILE B 166 8.17 -22.10 -11.27
N VAL B 167 8.87 -21.04 -11.67
CA VAL B 167 10.32 -20.96 -11.51
C VAL B 167 10.62 -19.93 -10.43
N THR B 168 11.68 -20.18 -9.66
CA THR B 168 12.05 -19.32 -8.55
C THR B 168 13.56 -19.12 -8.52
N SER B 169 13.97 -18.01 -7.92
CA SER B 169 15.38 -17.72 -7.67
C SER B 169 15.52 -17.21 -6.24
N SER B 170 16.51 -17.73 -5.52
CA SER B 170 16.65 -17.46 -4.10
C SER B 170 18.08 -17.01 -3.83
N GLY B 171 18.43 -16.89 -2.55
CA GLY B 171 19.76 -16.53 -2.14
C GLY B 171 20.77 -17.64 -2.14
N ASP B 172 20.34 -18.86 -2.49
CA ASP B 172 21.24 -20.00 -2.56
C ASP B 172 22.10 -20.01 -3.81
N THR B 173 22.07 -18.94 -4.61
CA THR B 173 22.79 -18.90 -5.88
C THR B 173 22.28 -19.97 -6.83
N THR B 174 20.99 -20.26 -6.78
CA THR B 174 20.41 -21.33 -7.57
C THR B 174 18.98 -20.97 -7.96
N CYS B 175 18.48 -21.64 -8.99
CA CYS B 175 17.09 -21.53 -9.41
C CYS B 175 16.53 -22.93 -9.56
N ALA B 176 15.21 -23.05 -9.39
CA ALA B 176 14.55 -24.34 -9.43
C ALA B 176 13.24 -24.22 -10.19
N LEU B 177 12.84 -25.33 -10.81
CA LEU B 177 11.55 -25.46 -11.48
C LEU B 177 10.69 -26.41 -10.68
N TRP B 178 9.46 -26.00 -10.40
CA TRP B 178 8.59 -26.72 -9.48
C TRP B 178 7.41 -27.32 -10.21
N ASP B 179 6.88 -28.39 -9.62
CA ASP B 179 5.62 -29.00 -10.03
C ASP B 179 4.61 -28.70 -8.93
N ILE B 180 3.70 -27.77 -9.19
CA ILE B 180 2.89 -27.19 -8.12
C ILE B 180 2.06 -28.26 -7.43
N GLU B 181 1.32 -29.06 -8.22
CA GLU B 181 0.46 -30.07 -7.60
C GLU B 181 1.28 -31.12 -6.85
N THR B 182 2.43 -31.50 -7.39
CA THR B 182 3.30 -32.44 -6.69
C THR B 182 3.99 -31.77 -5.51
N GLY B 183 4.47 -30.54 -5.71
CA GLY B 183 5.13 -29.81 -4.65
C GLY B 183 6.60 -30.11 -4.49
N GLN B 184 7.25 -30.70 -5.50
CA GLN B 184 8.64 -31.09 -5.44
C GLN B 184 9.42 -30.48 -6.59
N GLN B 185 10.65 -30.07 -6.33
CA GLN B 185 11.52 -29.58 -7.39
C GLN B 185 11.79 -30.68 -8.40
N THR B 186 11.78 -30.32 -9.68
CA THR B 186 12.09 -31.25 -10.75
C THR B 186 13.40 -30.93 -11.47
N THR B 187 13.92 -29.71 -11.31
CA THR B 187 15.18 -29.33 -11.91
C THR B 187 15.78 -28.20 -11.11
N THR B 188 17.11 -28.13 -11.10
CA THR B 188 17.83 -27.11 -10.36
C THR B 188 19.00 -26.60 -11.20
N PHE B 189 19.34 -25.34 -10.99
CA PHE B 189 20.44 -24.67 -11.69
C PHE B 189 21.44 -24.18 -10.66
N THR B 190 22.70 -24.61 -10.79
CA THR B 190 23.72 -24.42 -9.76
C THR B 190 25.03 -23.95 -10.37
N GLY B 191 24.98 -22.94 -11.21
CA GLY B 191 26.18 -22.47 -11.89
C GLY B 191 26.65 -21.08 -11.53
N HIS B 192 25.79 -20.28 -10.89
CA HIS B 192 26.09 -18.86 -10.74
C HIS B 192 27.27 -18.61 -9.80
N THR B 193 27.27 -19.24 -8.63
CA THR B 193 28.27 -18.96 -7.60
C THR B 193 28.21 -17.48 -7.20
N GLY B 194 27.06 -17.10 -6.66
CA GLY B 194 26.78 -15.72 -6.32
C GLY B 194 25.28 -15.50 -6.21
N ASP B 195 24.85 -14.63 -5.31
CA ASP B 195 23.42 -14.45 -5.09
C ASP B 195 22.72 -14.07 -6.38
N VAL B 196 21.59 -14.72 -6.65
CA VAL B 196 20.78 -14.46 -7.83
C VAL B 196 19.59 -13.61 -7.43
N MET B 197 19.31 -12.57 -8.22
CA MET B 197 18.31 -11.57 -7.84
C MET B 197 17.07 -11.38 -8.69
N SER B 198 17.17 -11.65 -9.97
CA SER B 198 16.03 -11.46 -10.86
C SER B 198 16.14 -12.38 -12.05
N LEU B 199 15.00 -12.64 -12.67
CA LEU B 199 14.94 -13.48 -13.85
C LEU B 199 13.75 -13.07 -14.68
N SER B 200 13.79 -13.43 -15.96
CA SER B 200 12.71 -13.13 -16.89
C SER B 200 12.59 -14.27 -17.90
N LEU B 201 11.35 -14.59 -18.26
CA LEU B 201 11.05 -15.70 -19.15
C LEU B 201 10.94 -15.21 -20.59
N ALA B 202 11.50 -16.00 -21.50
CA ALA B 202 11.40 -15.66 -22.91
C ALA B 202 9.96 -15.82 -23.39
N PRO B 203 9.57 -15.08 -24.45
CA PRO B 203 8.20 -15.22 -24.94
C PRO B 203 7.83 -16.62 -25.36
N ASP B 204 8.78 -17.37 -25.94
CA ASP B 204 8.52 -18.75 -26.31
C ASP B 204 8.31 -19.66 -25.11
N THR B 205 8.61 -19.19 -23.91
CA THR B 205 8.43 -19.98 -22.69
C THR B 205 9.26 -21.27 -22.76
N ARG B 206 10.49 -21.15 -23.27
CA ARG B 206 11.38 -22.29 -23.39
C ARG B 206 12.72 -22.00 -22.72
N LEU B 207 13.18 -20.75 -22.82
CA LEU B 207 14.43 -20.32 -22.25
C LEU B 207 14.19 -19.15 -21.30
N PHE B 208 15.14 -18.94 -20.39
CA PHE B 208 15.06 -17.81 -19.47
C PHE B 208 16.46 -17.44 -19.02
N VAL B 209 16.59 -16.23 -18.49
CA VAL B 209 17.86 -15.69 -18.03
C VAL B 209 17.69 -15.18 -16.60
N SER B 210 18.81 -15.11 -15.89
CA SER B 210 18.82 -14.68 -14.50
C SER B 210 20.01 -13.79 -14.25
N GLY B 211 19.86 -12.89 -13.28
CA GLY B 211 20.91 -11.95 -12.90
C GLY B 211 21.41 -12.28 -11.50
N ALA B 212 22.71 -12.12 -11.29
CA ALA B 212 23.35 -12.48 -10.04
C ALA B 212 24.30 -11.38 -9.59
N CYS B 213 24.62 -11.39 -8.30
CA CYS B 213 25.53 -10.42 -7.71
C CYS B 213 26.97 -10.65 -8.10
N ASP B 214 27.29 -11.71 -8.82
CA ASP B 214 28.64 -11.99 -9.26
C ASP B 214 29.04 -11.15 -10.48
N ALA B 215 28.26 -10.12 -10.81
CA ALA B 215 28.56 -9.25 -11.95
C ALA B 215 28.53 -10.01 -13.27
N SER B 216 27.66 -11.02 -13.36
CA SER B 216 27.51 -11.79 -14.58
C SER B 216 26.12 -12.39 -14.62
N ALA B 217 25.67 -12.70 -15.83
CA ALA B 217 24.37 -13.30 -16.06
C ALA B 217 24.52 -14.50 -16.99
N LYS B 218 23.66 -15.50 -16.79
CA LYS B 218 23.74 -16.75 -17.53
C LYS B 218 22.38 -17.09 -18.13
N LEU B 219 22.40 -17.57 -19.36
CA LEU B 219 21.19 -18.10 -20.00
C LEU B 219 21.02 -19.57 -19.64
N TRP B 220 19.77 -19.98 -19.47
CA TRP B 220 19.45 -21.34 -19.07
C TRP B 220 18.45 -21.95 -20.04
N ASP B 221 18.46 -23.28 -20.09
CA ASP B 221 17.50 -24.05 -20.86
C ASP B 221 16.55 -24.77 -19.90
N VAL B 222 15.25 -24.54 -20.06
CA VAL B 222 14.28 -25.08 -19.13
C VAL B 222 14.25 -26.60 -19.19
N ARG B 223 14.18 -27.16 -20.40
CA ARG B 223 14.03 -28.60 -20.55
C ARG B 223 15.33 -29.32 -20.20
N GLU B 224 16.46 -28.82 -20.70
CA GLU B 224 17.74 -29.48 -20.46
C GLU B 224 18.25 -29.25 -19.05
N GLY B 225 17.89 -28.14 -18.41
CA GLY B 225 18.33 -27.87 -17.07
C GLY B 225 19.80 -27.55 -16.94
N MET B 226 20.43 -27.06 -18.00
CA MET B 226 21.85 -26.76 -18.01
C MET B 226 22.09 -25.42 -18.70
N CYS B 227 23.07 -24.67 -18.20
CA CYS B 227 23.42 -23.40 -18.81
C CYS B 227 23.95 -23.62 -20.23
N ARG B 228 23.62 -22.67 -21.11
CA ARG B 228 24.07 -22.70 -22.50
C ARG B 228 25.05 -21.58 -22.82
N GLN B 229 24.88 -20.40 -22.22
CA GLN B 229 25.76 -19.27 -22.46
C GLN B 229 25.88 -18.45 -21.19
N THR B 230 27.07 -17.89 -20.96
CA THR B 230 27.34 -17.04 -19.82
C THR B 230 27.77 -15.67 -20.33
N PHE B 231 27.11 -14.62 -19.84
CA PHE B 231 27.39 -13.26 -20.23
C PHE B 231 28.16 -12.54 -19.13
N THR B 232 29.06 -11.66 -19.53
CA THR B 232 29.95 -10.97 -18.60
C THR B 232 30.25 -9.59 -19.16
N GLY B 233 31.28 -8.94 -18.64
CA GLY B 233 31.63 -7.59 -19.03
C GLY B 233 30.92 -6.51 -18.25
N HIS B 234 30.33 -6.85 -17.11
CA HIS B 234 29.57 -5.90 -16.31
C HIS B 234 30.28 -5.71 -14.98
N GLU B 235 30.28 -4.47 -14.47
CA GLU B 235 31.18 -4.10 -13.39
C GLU B 235 30.74 -4.58 -12.01
N SER B 236 29.43 -4.64 -11.75
CA SER B 236 28.96 -4.85 -10.38
C SER B 236 27.67 -5.66 -10.43
N ASP B 237 26.92 -5.65 -9.32
CA ASP B 237 25.73 -6.48 -9.20
C ASP B 237 24.72 -6.14 -10.31
N ILE B 238 23.80 -7.08 -10.52
CA ILE B 238 22.70 -6.93 -11.46
C ILE B 238 21.41 -7.13 -10.71
N ASN B 239 20.46 -6.22 -10.89
CA ASN B 239 19.22 -6.21 -10.11
C ASN B 239 17.97 -6.47 -10.93
N ALA B 240 18.04 -6.44 -12.26
CA ALA B 240 16.85 -6.64 -13.07
C ALA B 240 17.24 -7.07 -14.47
N ILE B 241 16.42 -7.92 -15.07
CA ILE B 241 16.60 -8.39 -16.44
C ILE B 241 15.24 -8.55 -17.08
N CYS B 242 15.17 -8.33 -18.39
CA CYS B 242 13.94 -8.51 -19.15
C CYS B 242 14.28 -8.86 -20.59
N PHE B 243 13.47 -9.72 -21.20
CA PHE B 243 13.70 -10.15 -22.57
C PHE B 243 13.24 -9.09 -23.56
N PHE B 244 13.74 -9.23 -24.79
CA PHE B 244 13.23 -8.44 -25.90
C PHE B 244 11.88 -9.00 -26.34
N PRO B 245 11.03 -8.18 -26.95
CA PRO B 245 9.74 -8.70 -27.42
C PRO B 245 9.90 -9.90 -28.35
N ASN B 246 10.94 -9.94 -29.17
CA ASN B 246 11.17 -11.06 -30.06
C ASN B 246 11.91 -12.21 -29.40
N GLY B 247 12.25 -12.07 -28.12
CA GLY B 247 12.97 -13.13 -27.43
C GLY B 247 14.34 -13.40 -28.01
N ASN B 248 15.05 -12.34 -28.41
CA ASN B 248 16.37 -12.49 -29.01
C ASN B 248 17.44 -11.66 -28.30
N ALA B 249 17.08 -10.90 -27.27
CA ALA B 249 18.04 -10.09 -26.52
C ALA B 249 17.43 -9.76 -25.17
N PHE B 250 18.23 -9.12 -24.33
CA PHE B 250 17.77 -8.75 -23.00
C PHE B 250 18.63 -7.60 -22.48
N ALA B 251 18.11 -6.91 -21.48
CA ALA B 251 18.80 -5.82 -20.82
C ALA B 251 18.99 -6.16 -19.35
N THR B 252 19.98 -5.52 -18.74
CA THR B 252 20.39 -5.84 -17.37
C THR B 252 20.40 -4.59 -16.51
N GLY B 253 19.77 -4.69 -15.34
CA GLY B 253 19.89 -3.66 -14.32
C GLY B 253 21.21 -3.78 -13.59
N SER B 254 21.41 -2.86 -12.64
CA SER B 254 22.69 -2.83 -11.94
C SER B 254 22.62 -1.85 -10.78
N ASP B 255 23.51 -2.05 -9.81
CA ASP B 255 23.86 -1.03 -8.84
C ASP B 255 24.99 -0.14 -9.33
N ASP B 256 25.59 -0.46 -10.48
CA ASP B 256 26.63 0.35 -11.08
C ASP B 256 26.11 1.63 -11.69
N ALA B 257 24.79 1.82 -11.77
CA ALA B 257 24.18 2.98 -12.39
C ALA B 257 24.32 2.95 -13.91
N THR B 258 24.33 1.76 -14.48
CA THR B 258 24.45 1.58 -15.92
C THR B 258 23.58 0.40 -16.36
N CYS B 259 23.19 0.42 -17.62
CA CYS B 259 22.42 -0.66 -18.22
C CYS B 259 23.12 -1.13 -19.50
N ARG B 260 22.98 -2.42 -19.80
CA ARG B 260 23.58 -3.01 -20.98
C ARG B 260 22.63 -4.06 -21.53
N LEU B 261 22.71 -4.29 -22.84
CA LEU B 261 21.93 -5.32 -23.50
C LEU B 261 22.85 -6.16 -24.37
N PHE B 262 22.58 -7.47 -24.39
CA PHE B 262 23.43 -8.42 -25.08
C PHE B 262 22.61 -9.22 -26.07
N ASP B 263 23.27 -9.71 -27.12
CA ASP B 263 22.62 -10.54 -28.13
C ASP B 263 22.80 -12.01 -27.77
N LEU B 264 21.70 -12.76 -27.80
CA LEU B 264 21.75 -14.15 -27.37
C LEU B 264 22.43 -15.07 -28.38
N ARG B 265 22.66 -14.59 -29.61
CA ARG B 265 23.25 -15.42 -30.64
C ARG B 265 24.67 -14.91 -30.89
N ALA B 266 24.86 -13.59 -31.00
CA ALA B 266 26.18 -13.02 -31.17
C ALA B 266 27.00 -13.04 -29.88
N ASP B 267 26.32 -13.14 -28.74
CA ASP B 267 26.96 -13.23 -27.42
C ASP B 267 27.94 -12.11 -27.03
N GLN B 268 27.50 -10.87 -27.16
CA GLN B 268 28.34 -9.72 -26.86
C GLN B 268 27.48 -8.57 -26.36
N GLU B 269 28.14 -7.65 -25.64
CA GLU B 269 27.50 -6.41 -25.23
C GLU B 269 27.30 -5.50 -26.44
N LEU B 270 26.19 -4.76 -26.43
CA LEU B 270 25.88 -3.87 -27.55
C LEU B 270 25.84 -2.42 -27.12
N MET B 271 25.00 -2.06 -26.14
CA MET B 271 24.76 -0.67 -25.75
C MET B 271 25.27 -0.41 -24.35
N THR B 272 25.55 0.86 -24.07
CA THR B 272 25.97 1.33 -22.76
C THR B 272 25.15 2.57 -22.42
N TYR B 273 24.20 2.41 -21.51
CA TYR B 273 23.29 3.50 -21.13
C TYR B 273 23.87 4.18 -19.90
N SER B 274 24.80 5.10 -20.13
CA SER B 274 25.48 5.81 -19.05
C SER B 274 25.34 7.31 -19.23
N HIS B 275 24.96 7.98 -18.15
CA HIS B 275 24.93 9.44 -18.11
C HIS B 275 25.63 9.90 -16.84
N ASP B 276 26.50 10.91 -16.98
CA ASP B 276 27.34 11.32 -15.85
C ASP B 276 26.48 11.82 -14.70
N ASN B 277 25.41 12.54 -14.99
CA ASN B 277 24.64 13.21 -13.95
C ASN B 277 24.00 12.23 -12.98
N ILE B 278 23.90 10.95 -13.33
CA ILE B 278 23.25 9.94 -12.50
C ILE B 278 24.30 8.94 -12.04
N ILE B 279 24.48 8.86 -10.73
CA ILE B 279 25.32 7.83 -10.10
C ILE B 279 24.51 7.25 -8.95
N CYS B 280 23.79 6.17 -9.24
CA CYS B 280 22.93 5.55 -8.24
C CYS B 280 22.46 4.20 -8.79
N GLY B 281 21.95 3.37 -7.89
CA GLY B 281 21.53 2.04 -8.28
C GLY B 281 20.31 2.04 -9.19
N ILE B 282 20.18 0.97 -9.95
CA ILE B 282 19.06 0.75 -10.85
C ILE B 282 18.25 -0.43 -10.31
N THR B 283 16.96 -0.20 -10.09
CA THR B 283 16.12 -1.17 -9.41
C THR B 283 15.33 -2.08 -10.34
N SER B 284 14.97 -1.61 -11.53
CA SER B 284 14.16 -2.41 -12.43
C SER B 284 14.31 -1.88 -13.84
N VAL B 285 13.93 -2.72 -14.81
CA VAL B 285 13.97 -2.36 -16.22
C VAL B 285 12.80 -3.03 -16.93
N SER B 286 12.50 -2.53 -18.13
CA SER B 286 11.43 -3.09 -18.96
C SER B 286 11.53 -2.47 -20.34
N PHE B 287 10.87 -3.10 -21.30
CA PHE B 287 10.80 -2.62 -22.68
C PHE B 287 9.38 -2.18 -23.00
N SER B 288 9.21 -1.68 -24.22
CA SER B 288 7.90 -1.33 -24.75
C SER B 288 7.38 -2.48 -25.60
N LYS B 289 6.18 -2.30 -26.14
CA LYS B 289 5.60 -3.34 -26.98
C LYS B 289 6.44 -3.58 -28.23
N SER B 290 6.93 -2.50 -28.85
CA SER B 290 7.80 -2.60 -30.01
C SER B 290 9.27 -2.65 -29.63
N GLY B 291 9.61 -2.48 -28.35
CA GLY B 291 10.97 -2.52 -27.91
C GLY B 291 11.77 -1.26 -28.17
N ARG B 292 11.15 -0.21 -28.72
CA ARG B 292 11.88 1.01 -29.02
C ARG B 292 12.22 1.79 -27.74
N LEU B 293 11.35 1.73 -26.73
CA LEU B 293 11.50 2.52 -25.52
C LEU B 293 12.03 1.64 -24.40
N LEU B 294 13.10 2.08 -23.76
CA LEU B 294 13.69 1.40 -22.62
C LEU B 294 13.35 2.15 -21.34
N LEU B 295 12.78 1.44 -20.37
CA LEU B 295 12.41 2.02 -19.09
C LEU B 295 13.28 1.40 -18.00
N ALA B 296 13.62 2.21 -17.00
CA ALA B 296 14.50 1.74 -15.92
C ALA B 296 14.31 2.62 -14.70
N GLY B 297 14.03 2.00 -13.56
CA GLY B 297 13.96 2.74 -12.31
C GLY B 297 15.34 3.10 -11.79
N TYR B 298 15.37 4.04 -10.85
CA TYR B 298 16.61 4.50 -10.25
C TYR B 298 16.39 4.75 -8.77
N ASP B 299 17.49 4.86 -8.03
CA ASP B 299 17.42 5.15 -6.60
C ASP B 299 17.24 6.64 -6.31
N ASP B 300 17.36 7.50 -7.33
CA ASP B 300 17.20 8.94 -7.15
C ASP B 300 15.74 9.37 -7.18
N PHE B 301 14.81 8.44 -7.01
CA PHE B 301 13.37 8.69 -6.86
C PHE B 301 12.66 8.94 -8.18
N ASN B 302 13.38 8.99 -9.31
CA ASN B 302 12.74 9.17 -10.61
C ASN B 302 13.35 8.19 -11.60
N CYS B 303 12.51 7.65 -12.47
CA CYS B 303 12.92 6.63 -13.44
C CYS B 303 13.02 7.27 -14.81
N ASN B 304 14.19 7.11 -15.44
CA ASN B 304 14.42 7.68 -16.76
C ASN B 304 13.84 6.77 -17.84
N VAL B 305 13.79 7.31 -19.05
CA VAL B 305 13.35 6.57 -20.23
C VAL B 305 14.44 6.69 -21.28
N TRP B 306 14.95 5.55 -21.74
CA TRP B 306 16.08 5.51 -22.65
C TRP B 306 15.64 4.99 -24.01
N ASP B 307 16.17 5.59 -25.07
CA ASP B 307 15.96 5.06 -26.41
C ASP B 307 16.66 3.72 -26.51
N ALA B 308 16.00 2.77 -27.19
CA ALA B 308 16.51 1.40 -27.20
C ALA B 308 17.89 1.32 -27.86
N LEU B 309 18.08 2.02 -28.97
CA LEU B 309 19.30 1.89 -29.76
C LEU B 309 19.95 3.23 -30.08
N LYS B 310 19.67 4.28 -29.30
CA LYS B 310 20.34 5.56 -29.44
C LYS B 310 21.10 5.99 -28.20
N ALA B 311 20.82 5.38 -27.05
CA ALA B 311 21.50 5.73 -25.80
C ALA B 311 21.30 7.20 -25.45
N ASP B 312 20.11 7.72 -25.73
CA ASP B 312 19.73 9.09 -25.41
C ASP B 312 18.59 9.06 -24.40
N ARG B 313 18.75 9.80 -23.31
CA ARG B 313 17.71 9.85 -22.29
C ARG B 313 16.54 10.65 -22.82
N ALA B 314 15.56 9.96 -23.42
CA ALA B 314 14.47 10.63 -24.10
C ALA B 314 13.62 11.46 -23.13
N GLY B 315 13.28 10.88 -21.98
CA GLY B 315 12.40 11.55 -21.04
C GLY B 315 12.69 11.25 -19.58
N VAL B 316 11.74 11.58 -18.72
CA VAL B 316 11.88 11.33 -17.29
C VAL B 316 10.49 11.38 -16.67
N LEU B 317 10.31 10.71 -15.54
CA LEU B 317 9.02 10.64 -14.85
C LEU B 317 9.23 11.14 -13.42
N ALA B 318 8.60 12.25 -13.09
CA ALA B 318 8.71 12.81 -11.75
C ALA B 318 8.01 11.91 -10.74
N GLY B 319 8.44 12.03 -9.48
CA GLY B 319 7.95 11.15 -8.44
C GLY B 319 8.51 9.76 -8.62
N HIS B 320 8.36 8.89 -7.63
CA HIS B 320 7.67 9.18 -6.38
C HIS B 320 8.59 9.93 -5.43
N ASP B 321 8.19 10.04 -4.16
CA ASP B 321 9.06 10.59 -3.13
C ASP B 321 10.33 9.73 -3.02
N ASN B 322 10.17 8.47 -2.64
CA ASN B 322 11.28 7.53 -2.57
C ASN B 322 10.73 6.13 -2.31
N ARG B 323 11.21 5.13 -3.05
CA ARG B 323 12.01 5.24 -4.27
C ARG B 323 11.53 4.18 -5.24
N VAL B 324 11.47 4.51 -6.54
CA VAL B 324 10.95 3.57 -7.51
C VAL B 324 11.68 2.25 -7.41
N SER B 325 10.93 1.16 -7.23
CA SER B 325 11.50 -0.15 -7.01
C SER B 325 10.96 -1.25 -7.93
N CYS B 326 9.82 -1.03 -8.58
CA CYS B 326 9.25 -2.05 -9.46
C CYS B 326 8.34 -1.39 -10.46
N LEU B 327 8.37 -1.87 -11.70
CA LEU B 327 7.48 -1.37 -12.75
C LEU B 327 7.22 -2.49 -13.74
N GLY B 328 6.13 -2.34 -14.48
CA GLY B 328 5.75 -3.34 -15.47
C GLY B 328 4.95 -2.70 -16.58
N VAL B 329 5.05 -3.29 -17.77
CA VAL B 329 4.35 -2.82 -18.96
C VAL B 329 3.29 -3.83 -19.34
N THR B 330 2.12 -3.35 -19.72
CA THR B 330 1.01 -4.23 -20.08
C THR B 330 1.35 -5.01 -21.35
N ASP B 331 0.67 -6.15 -21.51
CA ASP B 331 0.89 -6.95 -22.70
C ASP B 331 0.52 -6.18 -23.96
N ASP B 332 -0.61 -5.47 -23.93
CA ASP B 332 -0.99 -4.61 -25.04
C ASP B 332 -0.13 -3.35 -25.13
N GLY B 333 0.66 -3.05 -24.10
CA GLY B 333 1.53 -1.90 -24.12
C GLY B 333 0.85 -0.59 -23.81
N MET B 334 -0.47 -0.59 -23.63
CA MET B 334 -1.18 0.67 -23.42
C MET B 334 -0.56 1.61 -22.39
N ALA B 335 -0.19 1.08 -21.22
CA ALA B 335 0.27 1.91 -20.11
C ALA B 335 1.41 1.20 -19.39
N VAL B 336 1.99 1.91 -18.42
CA VAL B 336 3.06 1.38 -17.60
C VAL B 336 2.82 1.82 -16.16
N ALA B 337 3.04 0.91 -15.21
CA ALA B 337 2.83 1.16 -13.80
C ALA B 337 4.16 1.14 -13.06
N THR B 338 4.27 1.99 -12.04
CA THR B 338 5.48 2.10 -11.25
C THR B 338 5.12 2.12 -9.76
N GLY B 339 6.05 1.63 -8.94
CA GLY B 339 5.85 1.59 -7.51
C GLY B 339 7.10 2.04 -6.79
N SER B 340 6.89 2.55 -5.57
CA SER B 340 7.95 3.11 -4.73
C SER B 340 7.70 2.85 -3.25
N TRP B 341 8.73 3.02 -2.44
CA TRP B 341 8.67 2.80 -1.01
C TRP B 341 7.74 3.75 -0.27
N ASP B 342 7.05 4.66 -0.97
CA ASP B 342 6.11 5.56 -0.34
C ASP B 342 4.69 5.00 -0.32
N SER B 343 4.49 3.77 -0.80
CA SER B 343 3.18 3.13 -0.78
C SER B 343 2.22 3.77 -1.77
N PHE B 344 2.71 4.12 -2.95
CA PHE B 344 1.88 4.69 -4.01
C PHE B 344 2.22 4.04 -5.34
N LEU B 345 1.18 3.71 -6.09
CA LEU B 345 1.31 3.19 -7.44
C LEU B 345 0.76 4.23 -8.42
N LYS B 346 1.41 4.35 -9.57
CA LYS B 346 1.03 5.32 -10.59
C LYS B 346 0.98 4.62 -11.94
N ILE B 347 0.06 5.10 -12.79
CA ILE B 347 -0.11 4.58 -14.13
C ILE B 347 0.22 5.71 -15.10
N TRP B 348 1.15 5.45 -16.00
CA TRP B 348 1.63 6.47 -16.94
C TRP B 348 1.27 6.04 -18.35
N ASN B 349 0.68 6.96 -19.11
CA ASN B 349 0.26 6.68 -20.47
C ASN B 349 0.72 7.79 -21.42
N ILE C 9 39.65 -29.16 -8.28
CA ILE C 9 39.29 -30.57 -8.35
C ILE C 9 37.91 -30.68 -9.03
N ALA C 10 36.87 -30.97 -8.24
CA ALA C 10 35.54 -31.09 -8.82
C ALA C 10 35.08 -29.77 -9.43
N GLN C 11 35.35 -28.66 -8.75
CA GLN C 11 34.96 -27.36 -9.29
C GLN C 11 35.67 -27.08 -10.61
N ALA C 12 36.96 -27.39 -10.69
CA ALA C 12 37.70 -27.18 -11.93
C ALA C 12 37.17 -28.08 -13.05
N ARG C 13 36.88 -29.34 -12.73
CA ARG C 13 36.35 -30.24 -13.75
C ARG C 13 35.00 -29.74 -14.26
N LYS C 14 34.12 -29.31 -13.36
CA LYS C 14 32.82 -28.78 -13.79
C LYS C 14 33.00 -27.52 -14.62
N LEU C 15 33.91 -26.64 -14.21
CA LEU C 15 34.13 -25.40 -14.95
C LEU C 15 34.63 -25.67 -16.36
N VAL C 16 35.58 -26.59 -16.51
CA VAL C 16 36.10 -26.89 -17.84
C VAL C 16 35.03 -27.58 -18.67
N GLU C 17 34.25 -28.48 -18.06
CA GLU C 17 33.18 -29.13 -18.79
C GLU C 17 32.18 -28.10 -19.31
N GLN C 18 31.82 -27.12 -18.48
CA GLN C 18 30.95 -26.06 -18.93
C GLN C 18 31.60 -25.26 -20.07
N LEU C 19 32.82 -24.79 -19.85
CA LEU C 19 33.48 -23.94 -20.83
C LEU C 19 33.67 -24.63 -22.17
N LYS C 20 33.73 -25.97 -22.18
CA LYS C 20 33.82 -26.67 -23.46
C LYS C 20 32.58 -26.42 -24.32
N MET C 21 31.41 -26.26 -23.69
CA MET C 21 30.18 -26.06 -24.45
C MET C 21 30.16 -24.71 -25.14
N GLU C 22 30.56 -23.65 -24.45
CA GLU C 22 30.51 -22.32 -25.05
C GLU C 22 31.43 -22.18 -26.26
N ALA C 23 32.43 -23.05 -26.40
CA ALA C 23 33.27 -23.01 -27.59
C ALA C 23 32.54 -23.47 -28.84
N ASN C 24 31.39 -24.14 -28.68
CA ASN C 24 30.71 -24.72 -29.84
C ASN C 24 29.86 -23.68 -30.57
N ILE C 25 29.33 -22.68 -29.86
CA ILE C 25 28.46 -21.69 -30.47
C ILE C 25 29.25 -21.01 -31.58
N ASP C 26 28.54 -20.45 -32.57
CA ASP C 26 29.17 -20.15 -33.85
C ASP C 26 30.33 -19.16 -33.70
N ARG C 27 30.07 -17.90 -33.32
CA ARG C 27 28.76 -17.26 -33.13
C ARG C 27 28.30 -16.68 -34.46
N ILE C 28 27.17 -15.95 -34.43
CA ILE C 28 26.66 -15.26 -35.61
C ILE C 28 27.18 -13.83 -35.57
N LYS C 29 27.23 -13.17 -36.72
CA LYS C 29 27.81 -11.84 -36.80
C LYS C 29 26.98 -10.84 -35.99
N VAL C 30 27.61 -9.72 -35.66
CA VAL C 30 26.97 -8.69 -34.85
C VAL C 30 26.22 -7.69 -35.72
N SER C 31 26.76 -7.36 -36.89
CA SER C 31 26.06 -6.42 -37.78
C SER C 31 24.72 -6.99 -38.21
N LYS C 32 24.67 -8.27 -38.55
CA LYS C 32 23.42 -8.89 -38.95
C LYS C 32 22.42 -8.92 -37.81
N ALA C 33 22.89 -9.18 -36.59
CA ALA C 33 22.00 -9.15 -35.43
C ALA C 33 21.43 -7.76 -35.22
N ALA C 34 22.27 -6.73 -35.33
CA ALA C 34 21.80 -5.36 -35.21
C ALA C 34 20.78 -5.03 -36.28
N ALA C 35 21.04 -5.49 -37.51
CA ALA C 35 20.07 -5.29 -38.58
C ALA C 35 18.75 -5.95 -38.25
N ASP C 36 18.78 -7.16 -37.70
CA ASP C 36 17.55 -7.84 -37.32
C ASP C 36 16.80 -7.05 -36.26
N LEU C 37 17.51 -6.58 -35.23
CA LEU C 37 16.85 -5.83 -34.16
C LEU C 37 16.23 -4.54 -34.68
N MET C 38 16.98 -3.77 -35.47
CA MET C 38 16.44 -2.51 -35.99
C MET C 38 15.27 -2.76 -36.92
N ALA C 39 15.36 -3.79 -37.77
CA ALA C 39 14.26 -4.11 -38.67
C ALA C 39 13.00 -4.46 -37.89
N TYR C 40 13.14 -5.31 -36.87
CA TYR C 40 11.98 -5.68 -36.08
C TYR C 40 11.38 -4.48 -35.36
N CYS C 41 12.23 -3.64 -34.78
CA CYS C 41 11.74 -2.46 -34.07
C CYS C 41 11.00 -1.52 -35.02
N GLU C 42 11.57 -1.28 -36.20
CA GLU C 42 10.88 -0.43 -37.17
C GLU C 42 9.56 -1.03 -37.60
N ALA C 43 9.54 -2.35 -37.84
CA ALA C 43 8.31 -2.99 -38.30
C ALA C 43 7.21 -2.88 -37.24
N HIS C 44 7.55 -3.08 -35.98
CA HIS C 44 6.55 -3.08 -34.91
C HIS C 44 6.31 -1.69 -34.33
N ALA C 45 7.03 -0.67 -34.79
CA ALA C 45 6.86 0.68 -34.26
C ALA C 45 5.50 1.31 -34.58
N LYS C 46 4.63 0.57 -35.26
CA LYS C 46 3.34 1.15 -35.65
C LYS C 46 2.30 0.99 -34.55
N GLU C 47 2.16 -0.22 -33.99
CA GLU C 47 1.07 -0.52 -33.08
C GLU C 47 1.39 -0.20 -31.62
N ASP C 48 2.61 0.20 -31.30
CA ASP C 48 2.95 0.53 -29.93
C ASP C 48 2.39 1.91 -29.58
N PRO C 49 1.52 2.02 -28.56
CA PRO C 49 0.90 3.31 -28.27
C PRO C 49 1.83 4.30 -27.62
N LEU C 50 2.80 3.80 -26.83
CA LEU C 50 3.73 4.70 -26.16
C LEU C 50 4.56 5.48 -27.17
N LEU C 51 5.04 4.82 -28.21
CA LEU C 51 5.85 5.50 -29.21
C LEU C 51 5.05 6.57 -29.94
N THR C 52 3.85 6.21 -30.41
CA THR C 52 2.98 7.16 -31.09
C THR C 52 1.76 7.43 -30.22
N PRO C 53 1.59 8.63 -29.67
CA PRO C 53 0.46 8.87 -28.77
C PRO C 53 -0.88 8.61 -29.45
N VAL C 54 -1.80 8.02 -28.70
CA VAL C 54 -3.14 7.74 -29.19
C VAL C 54 -3.98 9.00 -29.07
N PRO C 55 -5.12 9.10 -29.76
CA PRO C 55 -5.99 10.26 -29.57
C PRO C 55 -6.58 10.27 -28.17
N ALA C 56 -7.06 11.45 -27.77
CA ALA C 56 -7.67 11.58 -26.44
C ALA C 56 -8.78 10.56 -26.26
N SER C 57 -9.53 10.27 -27.32
CA SER C 57 -10.58 9.27 -27.26
C SER C 57 -9.95 7.87 -27.26
N GLU C 58 -10.82 6.87 -27.15
CA GLU C 58 -10.45 5.45 -27.21
C GLU C 58 -9.21 5.14 -26.36
N ASN C 59 -8.97 5.95 -25.33
CA ASN C 59 -7.87 5.71 -24.40
C ASN C 59 -8.45 5.21 -23.09
N PRO C 60 -8.14 3.99 -22.65
CA PRO C 60 -8.77 3.48 -21.42
C PRO C 60 -8.54 4.39 -20.23
N PHE C 61 -7.35 4.98 -20.12
CA PHE C 61 -7.05 5.92 -19.04
C PHE C 61 -7.27 7.33 -19.59
N ARG C 62 -8.45 7.87 -19.35
CA ARG C 62 -8.82 9.18 -19.88
C ARG C 62 -7.79 10.24 -19.51
N ASP D 39 -20.70 -29.40 0.65
CA ASP D 39 -20.14 -28.10 0.19
C ASP D 39 -21.21 -27.02 0.29
N VAL D 40 -21.23 -26.09 -0.65
CA VAL D 40 -22.23 -25.02 -0.63
C VAL D 40 -23.62 -25.63 -0.75
N GLN D 41 -24.51 -25.23 0.15
CA GLN D 41 -25.88 -25.70 0.12
C GLN D 41 -26.72 -24.84 1.05
N LEU D 42 -27.88 -24.40 0.56
CA LEU D 42 -28.79 -23.54 1.31
C LEU D 42 -30.04 -24.34 1.66
N VAL D 43 -30.40 -24.33 2.95
CA VAL D 43 -31.57 -25.04 3.45
C VAL D 43 -32.46 -24.03 4.15
N GLU D 44 -33.78 -24.19 3.99
CA GLU D 44 -34.73 -23.23 4.51
C GLU D 44 -36.03 -23.93 4.86
N SER D 45 -36.68 -23.48 5.94
CA SER D 45 -37.96 -24.05 6.34
C SER D 45 -38.72 -23.01 7.14
N GLY D 46 -39.66 -22.32 6.49
CA GLY D 46 -40.52 -21.38 7.16
C GLY D 46 -41.93 -21.37 6.58
N GLY D 47 -42.22 -22.31 5.70
CA GLY D 47 -43.48 -22.30 4.97
C GLY D 47 -44.66 -22.73 5.83
N GLY D 48 -45.85 -22.38 5.35
CA GLY D 48 -47.07 -22.73 6.06
C GLY D 48 -48.27 -22.11 5.38
N LEU D 49 -49.44 -22.37 5.96
CA LEU D 49 -50.71 -21.83 5.47
C LEU D 49 -51.21 -20.79 6.46
N VAL D 50 -51.34 -19.55 5.99
CA VAL D 50 -51.74 -18.43 6.84
C VAL D 50 -52.80 -17.63 6.11
N GLN D 51 -53.79 -17.14 6.87
CA GLN D 51 -54.91 -16.41 6.28
C GLN D 51 -54.43 -15.06 5.76
N PRO D 52 -55.22 -14.43 4.88
CA PRO D 52 -54.74 -13.20 4.24
C PRO D 52 -54.36 -12.13 5.24
N GLY D 53 -53.31 -11.39 4.93
CA GLY D 53 -52.81 -10.37 5.82
C GLY D 53 -52.02 -10.89 6.99
N GLY D 54 -51.70 -12.17 7.01
CA GLY D 54 -50.93 -12.73 8.10
C GLY D 54 -49.48 -12.33 8.05
N SER D 55 -48.76 -12.68 9.11
CA SER D 55 -47.35 -12.34 9.23
C SER D 55 -46.55 -13.59 9.60
N ARG D 56 -45.41 -13.77 8.94
CA ARG D 56 -44.55 -14.91 9.16
C ARG D 56 -43.10 -14.46 8.98
N LYS D 57 -42.18 -15.40 9.17
CA LYS D 57 -40.76 -15.18 8.95
C LYS D 57 -40.19 -16.33 8.14
N LEU D 58 -39.27 -16.00 7.24
CA LEU D 58 -38.59 -16.98 6.41
C LEU D 58 -37.11 -16.99 6.75
N SER D 59 -36.53 -18.20 6.83
CA SER D 59 -35.13 -18.36 7.23
C SER D 59 -34.49 -19.42 6.35
N CYS D 60 -33.41 -19.05 5.65
CA CYS D 60 -32.58 -20.00 4.94
C CYS D 60 -31.16 -19.90 5.49
N SER D 61 -30.60 -21.03 5.88
CA SER D 61 -29.32 -21.09 6.58
C SER D 61 -28.23 -21.52 5.61
N ALA D 62 -27.15 -20.75 5.57
CA ALA D 62 -26.03 -21.02 4.69
C ALA D 62 -25.02 -21.94 5.38
N SER D 63 -24.30 -22.71 4.58
CA SER D 63 -23.29 -23.63 5.10
C SER D 63 -22.36 -24.05 3.97
N GLY D 64 -21.08 -23.78 4.13
CA GLY D 64 -20.08 -24.19 3.17
C GLY D 64 -19.43 -23.07 2.38
N PHE D 65 -19.48 -21.83 2.87
CA PHE D 65 -18.83 -20.72 2.20
C PHE D 65 -18.84 -19.51 3.11
N ALA D 66 -18.10 -18.48 2.71
CA ALA D 66 -17.99 -17.25 3.48
C ALA D 66 -19.30 -16.46 3.32
N PHE D 67 -20.27 -16.84 4.15
CA PHE D 67 -21.60 -16.23 4.05
C PHE D 67 -21.55 -14.72 4.27
N SER D 68 -20.64 -14.26 5.11
CA SER D 68 -20.59 -12.84 5.44
C SER D 68 -20.13 -11.97 4.28
N SER D 69 -19.59 -12.55 3.21
CA SER D 69 -19.02 -11.78 2.11
C SER D 69 -19.88 -11.83 0.85
N PHE D 70 -21.12 -12.29 0.94
CA PHE D 70 -21.99 -12.43 -0.21
C PHE D 70 -23.28 -11.65 -0.02
N GLY D 71 -23.71 -10.96 -1.07
CA GLY D 71 -25.02 -10.35 -1.07
C GLY D 71 -26.08 -11.37 -1.45
N MET D 72 -27.20 -11.33 -0.74
CA MET D 72 -28.25 -12.33 -0.87
C MET D 72 -29.53 -11.69 -1.40
N HIS D 73 -30.22 -12.41 -2.28
CA HIS D 73 -31.48 -11.99 -2.84
C HIS D 73 -32.58 -12.94 -2.41
N TRP D 74 -33.82 -12.57 -2.71
CA TRP D 74 -34.97 -13.43 -2.57
C TRP D 74 -35.76 -13.40 -3.88
N VAL D 75 -36.16 -14.58 -4.33
CA VAL D 75 -36.89 -14.73 -5.59
C VAL D 75 -38.14 -15.54 -5.33
N ARG D 76 -39.26 -15.07 -5.86
CA ARG D 76 -40.56 -15.69 -5.66
C ARG D 76 -41.01 -16.37 -6.94
N GLN D 77 -41.42 -17.63 -6.82
CA GLN D 77 -42.01 -18.38 -7.92
C GLN D 77 -43.47 -18.64 -7.59
N ALA D 78 -44.37 -18.05 -8.36
CA ALA D 78 -45.78 -18.18 -8.07
C ALA D 78 -46.19 -19.65 -8.20
N PRO D 79 -47.25 -20.06 -7.50
CA PRO D 79 -47.58 -21.49 -7.47
C PRO D 79 -47.79 -22.08 -8.85
N GLU D 80 -48.35 -21.32 -9.79
CA GLU D 80 -48.57 -21.87 -11.13
C GLU D 80 -47.30 -21.77 -11.98
N LYS D 81 -46.87 -20.56 -12.32
CA LYS D 81 -45.72 -20.35 -13.19
C LYS D 81 -45.09 -19.00 -12.81
N GLY D 82 -44.00 -18.67 -13.49
CA GLY D 82 -43.44 -17.33 -13.45
C GLY D 82 -42.33 -17.16 -12.43
N LEU D 83 -41.65 -16.02 -12.54
CA LEU D 83 -40.59 -15.64 -11.62
C LEU D 83 -40.51 -14.12 -11.57
N GLU D 84 -40.15 -13.59 -10.41
CA GLU D 84 -40.01 -12.14 -10.25
C GLU D 84 -39.09 -11.86 -9.07
N TRP D 85 -38.26 -10.83 -9.21
CA TRP D 85 -37.40 -10.41 -8.13
C TRP D 85 -38.23 -9.89 -6.96
N VAL D 86 -37.72 -10.07 -5.74
CA VAL D 86 -38.47 -9.71 -4.55
C VAL D 86 -37.70 -8.70 -3.71
N ALA D 87 -36.49 -9.05 -3.29
CA ALA D 87 -35.73 -8.21 -2.37
C ALA D 87 -34.24 -8.42 -2.62
N TYR D 88 -33.42 -7.70 -1.85
CA TYR D 88 -31.98 -7.80 -1.94
C TYR D 88 -31.36 -7.10 -0.74
N ILE D 89 -30.34 -7.70 -0.16
CA ILE D 89 -29.57 -7.11 0.93
C ILE D 89 -28.09 -7.24 0.58
N SER D 90 -27.36 -6.14 0.73
CA SER D 90 -25.96 -6.10 0.33
C SER D 90 -25.12 -6.94 1.29
N SER D 91 -23.80 -6.97 1.06
CA SER D 91 -22.92 -7.79 1.87
C SER D 91 -22.93 -7.34 3.32
N GLY D 92 -22.71 -6.05 3.55
CA GLY D 92 -22.67 -5.52 4.90
C GLY D 92 -24.00 -4.94 5.34
N SER D 93 -25.08 -5.31 4.65
CA SER D 93 -26.41 -4.78 4.95
C SER D 93 -26.44 -3.26 4.82
N GLY D 94 -25.55 -2.72 3.99
CA GLY D 94 -25.49 -1.30 3.74
C GLY D 94 -26.31 -0.82 2.55
N THR D 95 -27.13 -1.69 1.96
CA THR D 95 -27.95 -1.31 0.82
C THR D 95 -29.05 -2.34 0.65
N ILE D 96 -30.29 -1.89 0.58
CA ILE D 96 -31.45 -2.77 0.45
C ILE D 96 -32.36 -2.21 -0.64
N TYR D 97 -32.94 -3.09 -1.43
CA TYR D 97 -33.88 -2.70 -2.48
C TYR D 97 -35.08 -3.62 -2.43
N TYR D 98 -36.20 -3.13 -2.95
CA TYR D 98 -37.45 -3.86 -2.97
C TYR D 98 -38.18 -3.60 -4.28
N ALA D 99 -39.05 -4.54 -4.64
CA ALA D 99 -39.96 -4.34 -5.75
C ALA D 99 -41.13 -3.47 -5.28
N ASP D 100 -42.17 -3.36 -6.10
CA ASP D 100 -43.29 -2.48 -5.77
C ASP D 100 -44.26 -3.14 -4.80
N THR D 101 -44.81 -4.30 -5.16
CA THR D 101 -45.80 -4.96 -4.31
C THR D 101 -45.21 -5.34 -2.95
N VAL D 102 -43.90 -5.55 -2.88
CA VAL D 102 -43.28 -5.95 -1.62
C VAL D 102 -43.02 -4.74 -0.73
N LYS D 103 -42.87 -3.56 -1.31
CA LYS D 103 -42.46 -2.39 -0.54
C LYS D 103 -43.46 -2.09 0.58
N GLY D 104 -42.92 -1.77 1.76
CA GLY D 104 -43.71 -1.35 2.89
C GLY D 104 -44.33 -2.46 3.70
N ARG D 105 -44.28 -3.70 3.23
CA ARG D 105 -44.90 -4.82 3.93
C ARG D 105 -43.93 -5.93 4.29
N PHE D 106 -42.76 -5.97 3.67
CA PHE D 106 -41.77 -7.00 3.93
C PHE D 106 -40.41 -6.35 4.15
N THR D 107 -39.61 -6.96 5.02
CA THR D 107 -38.26 -6.48 5.29
C THR D 107 -37.32 -7.68 5.34
N ILE D 108 -36.04 -7.41 5.05
CA ILE D 108 -35.01 -8.42 4.96
C ILE D 108 -33.91 -8.08 5.94
N SER D 109 -33.43 -9.09 6.66
CA SER D 109 -32.39 -8.90 7.66
C SER D 109 -31.49 -10.12 7.70
N ARG D 110 -30.29 -9.93 8.25
CA ARG D 110 -29.30 -10.99 8.33
C ARG D 110 -28.48 -10.82 9.60
N ASP D 111 -27.84 -11.91 10.02
CA ASP D 111 -26.88 -11.89 11.11
C ASP D 111 -25.71 -12.79 10.71
N ASP D 112 -24.61 -12.17 10.29
CA ASP D 112 -23.48 -12.94 9.77
C ASP D 112 -23.00 -14.02 10.74
N PRO D 113 -22.81 -13.74 12.02
CA PRO D 113 -22.27 -14.78 12.92
C PRO D 113 -23.10 -16.05 12.94
N LYS D 114 -24.43 -15.94 12.86
CA LYS D 114 -25.29 -17.11 12.90
C LYS D 114 -25.51 -17.74 11.54
N ASN D 115 -25.03 -17.12 10.46
CA ASN D 115 -25.18 -17.65 9.11
C ASN D 115 -26.66 -17.92 8.80
N THR D 116 -27.44 -16.84 8.78
CA THR D 116 -28.87 -16.93 8.53
C THR D 116 -29.34 -15.70 7.80
N LEU D 117 -30.33 -15.89 6.92
CA LEU D 117 -30.97 -14.82 6.17
C LEU D 117 -32.45 -14.80 6.51
N PHE D 118 -32.97 -13.60 6.81
CA PHE D 118 -34.34 -13.43 7.26
C PHE D 118 -35.12 -12.59 6.27
N LEU D 119 -36.27 -13.09 5.85
CA LEU D 119 -37.25 -12.32 5.10
C LEU D 119 -38.55 -12.33 5.90
N GLN D 120 -39.02 -11.14 6.28
CA GLN D 120 -40.15 -11.02 7.19
C GLN D 120 -41.44 -10.92 6.39
N MET D 121 -42.34 -11.86 6.62
CA MET D 121 -43.66 -11.86 5.97
C MET D 121 -44.63 -11.11 6.88
N THR D 122 -45.26 -10.07 6.35
CA THR D 122 -46.23 -9.28 7.11
C THR D 122 -47.29 -8.73 6.20
N SER D 123 -48.55 -8.84 6.61
CA SER D 123 -49.68 -8.29 5.86
C SER D 123 -49.90 -8.91 4.49
N LEU D 124 -49.24 -10.04 4.24
CA LEU D 124 -49.37 -10.71 2.95
C LEU D 124 -50.76 -10.74 2.36
N ARG D 125 -50.85 -10.49 1.05
CA ARG D 125 -52.12 -10.44 0.35
C ARG D 125 -52.39 -11.78 -0.33
N SER D 126 -53.54 -11.85 -1.01
CA SER D 126 -53.99 -13.14 -1.55
C SER D 126 -53.02 -13.70 -2.57
N GLU D 127 -52.49 -12.84 -3.44
CA GLU D 127 -51.60 -13.31 -4.50
C GLU D 127 -50.19 -13.59 -4.03
N ASP D 128 -49.87 -13.28 -2.76
CA ASP D 128 -48.51 -13.49 -2.27
C ASP D 128 -48.12 -14.95 -2.20
N THR D 129 -49.10 -15.86 -2.12
CA THR D 129 -48.79 -17.28 -2.06
C THR D 129 -47.87 -17.68 -3.22
N ALA D 130 -46.79 -18.36 -2.89
CA ALA D 130 -45.79 -18.71 -3.90
C ALA D 130 -44.70 -19.55 -3.24
N MET D 131 -43.75 -19.99 -4.05
CA MET D 131 -42.53 -20.63 -3.60
C MET D 131 -41.39 -19.62 -3.65
N TYR D 132 -40.50 -19.70 -2.66
CA TYR D 132 -39.46 -18.70 -2.48
C TYR D 132 -38.08 -19.35 -2.46
N TYR D 133 -37.11 -18.64 -3.02
CA TYR D 133 -35.71 -19.06 -3.01
C TYR D 133 -34.85 -17.89 -2.54
N CYS D 134 -33.78 -18.21 -1.81
CA CYS D 134 -32.77 -17.23 -1.44
C CYS D 134 -31.49 -17.54 -2.18
N VAL D 135 -30.96 -16.54 -2.88
CA VAL D 135 -29.84 -16.71 -3.79
C VAL D 135 -28.63 -15.98 -3.22
N ARG D 136 -27.45 -16.42 -3.63
CA ARG D 136 -26.19 -15.81 -3.25
C ARG D 136 -25.58 -15.08 -4.44
N SER D 137 -24.91 -13.96 -4.15
CA SER D 137 -24.36 -13.12 -5.21
C SER D 137 -23.22 -12.25 -4.69
N ILE D 138 -22.13 -12.19 -5.45
CA ILE D 138 -20.97 -11.36 -5.12
C ILE D 138 -20.61 -10.57 -6.38
N TYR D 139 -20.28 -9.29 -6.18
CA TYR D 139 -20.05 -8.37 -7.29
C TYR D 139 -18.61 -7.86 -7.25
N TYR D 140 -17.86 -8.13 -8.30
CA TYR D 140 -16.58 -7.48 -8.56
C TYR D 140 -16.25 -7.72 -10.03
N TYR D 141 -15.04 -7.37 -10.43
CA TYR D 141 -14.65 -7.53 -11.83
C TYR D 141 -14.65 -9.01 -12.20
N GLY D 142 -15.44 -9.36 -13.22
CA GLY D 142 -15.51 -10.74 -13.65
C GLY D 142 -16.14 -11.68 -12.64
N SER D 143 -17.22 -11.25 -11.98
CA SER D 143 -17.92 -12.07 -11.01
C SER D 143 -18.98 -12.92 -11.71
N SER D 144 -19.61 -13.80 -10.93
CA SER D 144 -20.67 -14.69 -11.43
C SER D 144 -21.84 -14.62 -10.47
N PRO D 145 -22.60 -13.54 -10.47
CA PRO D 145 -23.72 -13.42 -9.53
C PRO D 145 -24.86 -14.36 -9.90
N PHE D 146 -25.67 -14.67 -8.89
CA PHE D 146 -26.80 -15.59 -9.05
C PHE D 146 -26.33 -16.97 -9.49
N ASP D 147 -25.13 -17.38 -9.06
CA ASP D 147 -24.59 -18.65 -9.52
C ASP D 147 -25.32 -19.85 -8.91
N PHE D 148 -25.59 -19.80 -7.61
CA PHE D 148 -26.18 -20.92 -6.88
C PHE D 148 -27.45 -20.48 -6.18
N TRP D 149 -28.46 -21.33 -6.21
CA TRP D 149 -29.76 -21.05 -5.63
C TRP D 149 -30.06 -22.01 -4.49
N GLY D 150 -31.08 -21.67 -3.71
CA GLY D 150 -31.52 -22.54 -2.63
C GLY D 150 -32.43 -23.64 -3.13
N GLN D 151 -33.17 -24.27 -2.23
CA GLN D 151 -34.08 -25.36 -2.58
C GLN D 151 -35.52 -24.93 -2.70
N GLY D 152 -36.04 -24.19 -1.73
CA GLY D 152 -37.39 -23.69 -1.79
C GLY D 152 -38.22 -24.15 -0.61
N THR D 153 -39.19 -23.32 -0.23
CA THR D 153 -40.12 -23.64 0.84
C THR D 153 -41.51 -23.17 0.44
N THR D 154 -42.48 -24.08 0.45
CA THR D 154 -43.80 -23.78 -0.05
C THR D 154 -44.50 -22.74 0.83
N LEU D 155 -45.65 -22.26 0.36
CA LEU D 155 -46.44 -21.28 1.09
C LEU D 155 -47.83 -21.17 0.48
N THR D 156 -48.86 -21.14 1.33
CA THR D 156 -50.24 -21.01 0.89
C THR D 156 -50.94 -19.96 1.74
N VAL D 157 -51.95 -19.32 1.14
CA VAL D 157 -52.71 -18.28 1.82
C VAL D 157 -54.20 -18.51 1.57
N SER D 158 -55.02 -17.91 2.42
CA SER D 158 -56.47 -17.98 2.28
C SER D 158 -56.94 -19.43 2.24
N SER D 174 -40.09 3.91 -16.14
CA SER D 174 -40.70 2.75 -15.52
C SER D 174 -39.68 1.62 -15.41
N ASP D 175 -40.16 0.37 -15.47
CA ASP D 175 -39.33 -0.81 -15.32
C ASP D 175 -39.10 -1.48 -16.67
N ILE D 176 -37.93 -2.07 -16.84
CA ILE D 176 -37.63 -2.79 -18.07
C ILE D 176 -38.60 -3.96 -18.22
N VAL D 177 -39.00 -4.23 -19.46
CA VAL D 177 -39.96 -5.28 -19.76
C VAL D 177 -39.32 -6.25 -20.73
N MET D 178 -39.42 -7.55 -20.42
CA MET D 178 -38.86 -8.61 -21.25
C MET D 178 -39.97 -9.37 -21.95
N THR D 179 -39.70 -9.77 -23.19
CA THR D 179 -40.65 -10.50 -24.01
C THR D 179 -39.99 -11.76 -24.56
N GLN D 180 -40.73 -12.87 -24.52
CA GLN D 180 -40.28 -14.12 -25.10
C GLN D 180 -41.47 -14.79 -25.79
N ALA D 181 -41.18 -15.59 -26.82
CA ALA D 181 -42.23 -16.32 -27.51
C ALA D 181 -41.65 -17.36 -28.45
N THR D 182 -42.25 -18.56 -28.54
CA THR D 182 -43.43 -18.94 -27.75
C THR D 182 -42.99 -19.54 -26.43
N SER D 183 -43.96 -19.91 -25.59
CA SER D 183 -43.67 -20.51 -24.29
C SER D 183 -43.39 -21.99 -24.37
N SER D 184 -43.55 -22.61 -25.54
CA SER D 184 -43.27 -24.04 -25.71
C SER D 184 -42.94 -24.30 -27.17
N VAL D 185 -41.76 -24.85 -27.44
CA VAL D 185 -41.34 -25.15 -28.80
C VAL D 185 -40.94 -26.61 -28.88
N PRO D 186 -41.39 -27.36 -29.89
CA PRO D 186 -41.08 -28.80 -29.95
C PRO D 186 -39.63 -29.02 -30.39
N VAL D 187 -38.90 -29.81 -29.61
CA VAL D 187 -37.52 -30.16 -29.91
C VAL D 187 -37.32 -31.65 -29.63
N THR D 188 -36.28 -32.19 -30.25
CA THR D 188 -35.89 -33.59 -30.10
C THR D 188 -34.39 -33.66 -29.92
N PRO D 189 -33.88 -34.74 -29.35
CA PRO D 189 -32.43 -34.84 -29.11
C PRO D 189 -31.63 -34.82 -30.41
N GLY D 190 -30.42 -34.27 -30.33
CA GLY D 190 -29.47 -34.32 -31.42
C GLY D 190 -29.63 -33.27 -32.48
N GLU D 191 -30.52 -32.29 -32.31
CA GLU D 191 -30.71 -31.23 -33.28
C GLU D 191 -30.68 -29.89 -32.57
N SER D 192 -30.04 -28.92 -33.22
CA SER D 192 -29.82 -27.60 -32.63
C SER D 192 -31.13 -26.84 -32.47
N VAL D 193 -31.08 -25.80 -31.64
CA VAL D 193 -32.25 -24.96 -31.40
C VAL D 193 -31.75 -23.63 -30.84
N SER D 194 -32.57 -22.59 -30.99
CA SER D 194 -32.26 -21.27 -30.46
C SER D 194 -33.47 -20.71 -29.74
N ILE D 195 -33.21 -19.95 -28.67
CA ILE D 195 -34.25 -19.30 -27.89
C ILE D 195 -33.91 -17.81 -27.81
N SER D 196 -34.91 -16.97 -28.06
CA SER D 196 -34.73 -15.53 -28.15
C SER D 196 -35.44 -14.82 -27.01
N CYS D 197 -34.81 -13.75 -26.52
CA CYS D 197 -35.39 -12.88 -25.51
C CYS D 197 -35.25 -11.43 -25.97
N ARG D 198 -36.22 -10.61 -25.57
CA ARG D 198 -36.29 -9.23 -26.03
C ARG D 198 -36.52 -8.31 -24.84
N SER D 199 -36.07 -7.06 -24.98
CA SER D 199 -36.23 -6.04 -23.96
C SER D 199 -36.73 -4.76 -24.61
N SER D 200 -37.01 -3.75 -23.78
CA SER D 200 -37.44 -2.44 -24.24
C SER D 200 -36.26 -1.49 -24.37
N LYS D 201 -35.54 -1.26 -23.28
CA LYS D 201 -34.36 -0.40 -23.28
C LYS D 201 -33.11 -1.25 -23.55
N SER D 202 -32.21 -0.72 -24.37
CA SER D 202 -30.98 -1.44 -24.67
C SER D 202 -30.16 -1.63 -23.41
N LEU D 203 -29.63 -2.84 -23.25
CA LEU D 203 -28.85 -3.18 -22.06
C LEU D 203 -27.38 -2.79 -22.18
N LEU D 204 -26.92 -2.37 -23.35
CA LEU D 204 -25.51 -2.03 -23.55
C LEU D 204 -25.18 -0.77 -22.75
N HIS D 205 -24.47 -0.94 -21.64
CA HIS D 205 -24.00 0.19 -20.87
C HIS D 205 -22.76 0.81 -21.52
N SER D 206 -22.40 2.00 -21.04
CA SER D 206 -21.24 2.68 -21.59
C SER D 206 -19.96 1.87 -21.44
N ASN D 207 -19.90 0.99 -20.44
CA ASN D 207 -18.69 0.19 -20.22
C ASN D 207 -18.52 -0.88 -21.28
N GLY D 208 -19.58 -1.20 -22.02
CA GLY D 208 -19.56 -2.30 -22.96
C GLY D 208 -20.11 -3.60 -22.41
N ASN D 209 -20.52 -3.62 -21.14
CA ASN D 209 -21.08 -4.83 -20.53
C ASN D 209 -22.59 -4.83 -20.75
N THR D 210 -23.06 -5.81 -21.51
CA THR D 210 -24.50 -6.00 -21.74
C THR D 210 -25.02 -6.93 -20.66
N TYR D 211 -25.64 -6.35 -19.63
CA TYR D 211 -26.08 -7.12 -18.46
C TYR D 211 -27.30 -7.98 -18.79
N LEU D 212 -27.07 -9.24 -19.15
CA LEU D 212 -28.15 -10.18 -19.38
C LEU D 212 -27.75 -11.53 -18.80
N TYR D 213 -28.71 -12.20 -18.17
CA TYR D 213 -28.47 -13.48 -17.51
C TYR D 213 -29.49 -14.51 -17.99
N TRP D 214 -29.07 -15.76 -18.01
CA TRP D 214 -29.91 -16.88 -18.42
C TRP D 214 -29.89 -17.95 -17.34
N PHE D 215 -31.06 -18.52 -17.07
CA PHE D 215 -31.20 -19.56 -16.06
C PHE D 215 -32.00 -20.72 -16.63
N LEU D 216 -31.71 -21.92 -16.12
CA LEU D 216 -32.43 -23.13 -16.51
C LEU D 216 -32.98 -23.80 -15.26
N GLN D 217 -34.27 -24.15 -15.29
CA GLN D 217 -34.94 -24.81 -14.19
C GLN D 217 -35.40 -26.17 -14.67
N ARG D 218 -34.72 -27.22 -14.24
CA ARG D 218 -35.12 -28.57 -14.60
C ARG D 218 -36.46 -28.90 -13.94
N PRO D 219 -37.25 -29.78 -14.55
CA PRO D 219 -38.57 -30.10 -13.98
C PRO D 219 -38.47 -30.59 -12.54
N GLY D 220 -39.03 -29.82 -11.61
CA GLY D 220 -39.02 -30.21 -10.22
C GLY D 220 -37.71 -29.99 -9.49
N GLN D 221 -36.87 -29.07 -9.97
CA GLN D 221 -35.61 -28.78 -9.32
C GLN D 221 -35.35 -27.28 -9.36
N SER D 222 -34.52 -26.82 -8.42
CA SER D 222 -34.19 -25.40 -8.34
C SER D 222 -33.39 -25.00 -9.57
N PRO D 223 -33.54 -23.76 -10.05
CA PRO D 223 -32.82 -23.32 -11.25
C PRO D 223 -31.33 -23.18 -10.99
N GLN D 224 -30.59 -22.94 -12.07
CA GLN D 224 -29.16 -22.74 -12.01
C GLN D 224 -28.74 -21.77 -13.09
N LEU D 225 -27.65 -21.05 -12.85
CA LEU D 225 -27.16 -20.07 -13.81
C LEU D 225 -26.53 -20.77 -15.00
N LEU D 226 -26.74 -20.22 -16.19
CA LEU D 226 -26.14 -20.74 -17.41
C LEU D 226 -25.19 -19.73 -18.04
N ILE D 227 -25.65 -18.52 -18.34
CA ILE D 227 -24.86 -17.51 -19.00
C ILE D 227 -25.03 -16.20 -18.24
N TYR D 228 -23.93 -15.50 -17.99
CA TYR D 228 -23.95 -14.19 -17.36
C TYR D 228 -23.28 -13.19 -18.28
N ARG D 229 -23.92 -12.04 -18.47
CA ARG D 229 -23.46 -10.99 -19.38
C ARG D 229 -23.47 -11.46 -20.84
N MET D 230 -24.25 -12.49 -21.14
CA MET D 230 -24.61 -12.93 -22.48
C MET D 230 -23.39 -13.25 -23.35
N SER D 231 -22.19 -13.31 -22.78
CA SER D 231 -21.01 -13.69 -23.53
C SER D 231 -20.10 -14.67 -22.81
N ASN D 232 -20.25 -14.87 -21.51
CA ASN D 232 -19.44 -15.80 -20.76
C ASN D 232 -20.19 -17.12 -20.58
N LEU D 233 -19.56 -18.08 -19.94
CA LEU D 233 -20.15 -19.39 -19.67
C LEU D 233 -19.99 -19.71 -18.20
N ALA D 234 -21.09 -20.08 -17.54
CA ALA D 234 -21.04 -20.38 -16.12
C ALA D 234 -20.19 -21.61 -15.86
N SER D 235 -19.54 -21.63 -14.70
CA SER D 235 -18.69 -22.75 -14.33
C SER D 235 -19.52 -24.02 -14.22
N GLY D 236 -18.92 -25.14 -14.60
CA GLY D 236 -19.61 -26.42 -14.58
C GLY D 236 -20.76 -26.50 -15.55
N VAL D 237 -20.57 -26.01 -16.78
CA VAL D 237 -21.61 -26.04 -17.80
C VAL D 237 -20.99 -26.52 -19.11
N PRO D 238 -21.64 -27.39 -19.88
CA PRO D 238 -21.07 -27.81 -21.15
C PRO D 238 -20.87 -26.62 -22.09
N ASP D 239 -19.84 -26.72 -22.93
CA ASP D 239 -19.46 -25.64 -23.81
C ASP D 239 -20.40 -25.47 -25.01
N ARG D 240 -21.38 -26.36 -25.18
CA ARG D 240 -22.29 -26.24 -26.31
C ARG D 240 -23.09 -24.95 -26.24
N PHE D 241 -23.46 -24.50 -25.04
CA PHE D 241 -24.19 -23.25 -24.91
C PHE D 241 -23.35 -22.09 -25.41
N SER D 242 -24.00 -21.12 -26.04
CA SER D 242 -23.32 -19.95 -26.58
C SER D 242 -24.26 -18.75 -26.50
N GLY D 243 -23.80 -17.68 -25.86
CA GLY D 243 -24.58 -16.47 -25.72
C GLY D 243 -24.17 -15.42 -26.73
N SER D 244 -25.16 -14.91 -27.45
CA SER D 244 -24.92 -13.88 -28.46
C SER D 244 -26.19 -13.06 -28.62
N GLY D 245 -26.03 -11.87 -29.19
CA GLY D 245 -27.17 -11.01 -29.42
C GLY D 245 -26.75 -9.58 -29.63
N SER D 246 -27.73 -8.77 -30.03
CA SER D 246 -27.53 -7.35 -30.24
C SER D 246 -27.76 -6.60 -28.93
N GLY D 247 -27.86 -5.28 -29.00
CA GLY D 247 -28.08 -4.49 -27.80
C GLY D 247 -29.49 -4.55 -27.25
N THR D 248 -30.44 -5.11 -28.02
CA THR D 248 -31.82 -5.21 -27.56
C THR D 248 -32.35 -6.62 -27.72
N ALA D 249 -31.87 -7.34 -28.72
CA ALA D 249 -32.33 -8.69 -29.02
C ALA D 249 -31.21 -9.68 -28.75
N PHE D 250 -31.56 -10.81 -28.14
CA PHE D 250 -30.58 -11.81 -27.74
C PHE D 250 -31.11 -13.21 -28.06
N THR D 251 -30.17 -14.15 -28.24
CA THR D 251 -30.51 -15.52 -28.59
C THR D 251 -29.50 -16.46 -27.95
N LEU D 252 -29.72 -17.76 -28.13
CA LEU D 252 -28.83 -18.80 -27.64
C LEU D 252 -28.48 -19.73 -28.79
N THR D 253 -27.72 -20.78 -28.47
CA THR D 253 -27.35 -21.80 -29.46
C THR D 253 -27.00 -23.07 -28.71
N ILE D 254 -27.82 -24.10 -28.86
CA ILE D 254 -27.63 -25.38 -28.20
C ILE D 254 -27.27 -26.42 -29.26
N SER D 255 -26.19 -27.16 -29.02
CA SER D 255 -25.72 -28.18 -29.94
C SER D 255 -25.59 -29.51 -29.20
N ARG D 256 -25.77 -30.59 -29.96
CA ARG D 256 -25.71 -31.94 -29.40
C ARG D 256 -26.66 -32.08 -28.22
N LEU D 257 -27.90 -31.65 -28.42
CA LEU D 257 -28.89 -31.67 -27.35
C LEU D 257 -29.09 -33.08 -26.84
N GLU D 258 -29.24 -33.21 -25.53
CA GLU D 258 -29.51 -34.47 -24.86
C GLU D 258 -30.76 -34.33 -24.02
N ALA D 259 -31.21 -35.45 -23.45
CA ALA D 259 -32.43 -35.46 -22.66
C ALA D 259 -32.31 -34.64 -21.38
N GLU D 260 -31.10 -34.31 -20.95
CA GLU D 260 -30.89 -33.55 -19.72
C GLU D 260 -31.12 -32.06 -19.89
N ASP D 261 -31.17 -31.56 -21.12
CA ASP D 261 -31.36 -30.15 -21.38
C ASP D 261 -32.83 -29.74 -21.43
N VAL D 262 -33.76 -30.69 -21.31
CA VAL D 262 -35.17 -30.35 -21.35
C VAL D 262 -35.56 -29.61 -20.09
N GLY D 263 -36.27 -28.50 -20.25
CA GLY D 263 -36.68 -27.72 -19.10
C GLY D 263 -37.30 -26.40 -19.52
N VAL D 264 -37.32 -25.45 -18.59
CA VAL D 264 -37.87 -24.12 -18.81
C VAL D 264 -36.77 -23.11 -18.52
N TYR D 265 -36.58 -22.16 -19.44
CA TYR D 265 -35.52 -21.17 -19.36
C TYR D 265 -36.09 -19.78 -19.08
N TYR D 266 -35.21 -18.86 -18.73
CA TYR D 266 -35.58 -17.49 -18.44
C TYR D 266 -34.45 -16.56 -18.87
N CYS D 267 -34.81 -15.29 -19.09
CA CYS D 267 -33.85 -14.24 -19.35
C CYS D 267 -34.06 -13.11 -18.35
N MET D 268 -32.96 -12.60 -17.79
CA MET D 268 -33.01 -11.58 -16.76
C MET D 268 -31.97 -10.51 -17.04
N GLN D 269 -32.22 -9.31 -16.53
CA GLN D 269 -31.29 -8.20 -16.61
C GLN D 269 -30.86 -7.77 -15.21
N HIS D 270 -29.67 -7.16 -15.13
CA HIS D 270 -29.17 -6.61 -13.88
C HIS D 270 -28.74 -5.16 -14.04
N LEU D 271 -29.17 -4.51 -15.12
CA LEU D 271 -28.71 -3.16 -15.40
C LEU D 271 -29.19 -2.16 -14.33
N GLU D 272 -30.45 -2.26 -13.94
CA GLU D 272 -31.03 -1.26 -13.05
C GLU D 272 -32.26 -1.86 -12.36
N TYR D 273 -32.37 -1.60 -11.06
CA TYR D 273 -33.43 -2.18 -10.25
C TYR D 273 -34.78 -1.57 -10.60
N PRO D 274 -35.88 -2.32 -10.44
CA PRO D 274 -35.92 -3.71 -9.97
C PRO D 274 -35.54 -4.71 -11.07
N LEU D 275 -34.98 -5.85 -10.68
CA LEU D 275 -34.64 -6.88 -11.65
C LEU D 275 -35.92 -7.52 -12.16
N THR D 276 -36.04 -7.61 -13.48
CA THR D 276 -37.25 -8.09 -14.13
C THR D 276 -36.96 -9.37 -14.89
N PHE D 277 -37.75 -10.40 -14.62
CA PHE D 277 -37.59 -11.68 -15.29
C PHE D 277 -38.51 -11.76 -16.51
N GLY D 278 -38.08 -12.53 -17.50
CA GLY D 278 -38.87 -12.76 -18.69
C GLY D 278 -39.79 -13.95 -18.54
N ALA D 279 -40.53 -14.23 -19.62
CA ALA D 279 -41.41 -15.39 -19.64
C ALA D 279 -40.60 -16.66 -19.80
N GLY D 280 -41.22 -17.79 -19.48
CA GLY D 280 -40.58 -19.09 -19.54
C GLY D 280 -40.87 -19.79 -20.85
N THR D 281 -39.83 -20.35 -21.47
CA THR D 281 -39.95 -21.12 -22.69
C THR D 281 -39.58 -22.57 -22.39
N LYS D 282 -40.58 -23.44 -22.40
CA LYS D 282 -40.39 -24.84 -22.04
C LYS D 282 -40.05 -25.67 -23.28
N LEU D 283 -39.16 -26.63 -23.10
CA LEU D 283 -38.78 -27.55 -24.17
C LEU D 283 -39.38 -28.92 -23.90
N GLU D 284 -39.71 -29.62 -24.97
CA GLU D 284 -40.37 -30.92 -24.87
C GLU D 284 -39.65 -31.96 -25.74
N LEU D 285 -40.22 -33.16 -25.83
CA LEU D 285 -39.60 -34.30 -26.50
C LEU D 285 -40.55 -34.88 -27.54
N LYS D 286 -41.09 -34.00 -28.39
CA LYS D 286 -42.00 -34.40 -29.47
C LYS D 286 -41.59 -35.73 -30.09
N GLN E 46 -6.87 59.40 4.20
CA GLN E 46 -6.07 59.67 3.00
C GLN E 46 -5.15 58.50 2.69
N VAL E 47 -4.85 57.70 3.72
CA VAL E 47 -3.97 56.55 3.57
C VAL E 47 -4.81 55.28 3.52
N THR E 48 -6.11 55.45 3.28
CA THR E 48 -7.02 54.31 3.29
C THR E 48 -6.60 53.26 2.27
N LEU E 49 -6.02 53.69 1.15
CA LEU E 49 -5.51 52.73 0.18
C LEU E 49 -4.41 51.87 0.77
N THR E 50 -3.50 52.48 1.52
CA THR E 50 -2.45 51.71 2.18
C THR E 50 -3.04 50.79 3.24
N LEU E 51 -4.06 51.25 3.97
CA LEU E 51 -4.68 50.37 4.96
C LEU E 51 -5.32 49.15 4.30
N VAL E 52 -6.04 49.36 3.19
CA VAL E 52 -6.64 48.21 2.51
C VAL E 52 -5.56 47.30 1.94
N CYS E 53 -4.45 47.87 1.47
CA CYS E 53 -3.33 47.03 1.02
C CYS E 53 -2.80 46.18 2.16
N LEU E 54 -2.66 46.77 3.35
CA LEU E 54 -2.20 46.01 4.51
C LEU E 54 -3.18 44.89 4.85
N ALA E 55 -4.49 45.20 4.82
CA ALA E 55 -5.49 44.18 5.10
C ALA E 55 -5.41 43.05 4.08
N GLY E 56 -5.27 43.38 2.80
CA GLY E 56 -5.16 42.34 1.79
C GLY E 56 -3.90 41.52 1.95
N LEU E 57 -2.81 42.15 2.35
CA LEU E 57 -1.59 41.41 2.65
C LEU E 57 -1.82 40.41 3.76
N LEU E 58 -2.52 40.84 4.82
CA LEU E 58 -2.85 39.93 5.90
C LEU E 58 -3.70 38.77 5.39
N MET E 59 -4.71 39.07 4.58
CA MET E 59 -5.56 38.04 3.99
C MET E 59 -4.70 37.00 3.28
N LEU E 60 -3.87 37.47 2.34
CA LEU E 60 -3.09 36.55 1.51
C LEU E 60 -2.13 35.74 2.34
N LEU E 61 -1.41 36.39 3.27
CA LEU E 61 -0.44 35.66 4.08
C LEU E 61 -1.12 34.57 4.88
N THR E 62 -2.22 34.92 5.57
CA THR E 62 -2.90 33.94 6.41
C THR E 62 -3.42 32.77 5.57
N VAL E 63 -4.13 33.07 4.48
CA VAL E 63 -4.74 32.00 3.69
C VAL E 63 -3.65 31.12 3.09
N PHE E 64 -2.58 31.73 2.57
CA PHE E 64 -1.52 30.94 1.95
C PHE E 64 -0.86 30.03 2.98
N GLY E 65 -0.55 30.56 4.17
CA GLY E 65 0.07 29.73 5.19
C GLY E 65 -0.82 28.57 5.60
N ASN E 66 -2.10 28.85 5.86
CA ASN E 66 -2.99 27.80 6.32
C ASN E 66 -3.21 26.74 5.26
N VAL E 67 -3.41 27.15 4.00
CA VAL E 67 -3.62 26.17 2.95
C VAL E 67 -2.35 25.37 2.72
N LEU E 68 -1.18 25.99 2.84
CA LEU E 68 0.06 25.25 2.72
C LEU E 68 0.15 24.18 3.80
N VAL E 69 -0.19 24.53 5.03
CA VAL E 69 -0.18 23.54 6.11
C VAL E 69 -1.14 22.40 5.81
N ILE E 70 -2.35 22.74 5.34
CA ILE E 70 -3.35 21.72 5.08
C ILE E 70 -2.86 20.74 4.02
N ILE E 71 -2.34 21.27 2.91
CA ILE E 71 -1.88 20.40 1.83
C ILE E 71 -0.69 19.58 2.28
N ALA E 72 0.21 20.17 3.08
CA ALA E 72 1.36 19.42 3.56
C ALA E 72 0.92 18.25 4.44
N VAL E 73 -0.04 18.48 5.33
CA VAL E 73 -0.46 17.41 6.24
C VAL E 73 -1.21 16.32 5.47
N PHE E 74 -2.05 16.70 4.51
CA PHE E 74 -2.82 15.69 3.79
C PHE E 74 -2.00 14.92 2.77
N THR E 75 -0.98 15.54 2.18
CA THR E 75 -0.31 14.97 1.02
C THR E 75 0.94 14.15 1.35
N SER E 76 1.30 14.04 2.62
CA SER E 76 2.53 13.35 3.02
C SER E 76 2.20 12.14 3.90
N ARG E 77 2.91 11.05 3.64
CA ARG E 77 2.71 9.84 4.44
C ARG E 77 3.28 10.01 5.85
N ALA E 78 4.48 10.60 5.96
CA ALA E 78 5.11 10.75 7.26
C ALA E 78 4.24 11.57 8.20
N LEU E 79 3.47 12.52 7.67
CA LEU E 79 2.59 13.34 8.49
C LEU E 79 1.25 12.67 8.79
N LYS E 80 1.16 11.36 8.59
CA LYS E 80 -0.12 10.67 8.75
C LYS E 80 -0.10 10.15 10.19
N ALA E 81 -0.16 11.08 11.14
CA ALA E 81 -0.24 10.74 12.56
C ALA E 81 -1.50 11.36 13.17
N PRO E 82 -2.04 10.76 14.23
CA PRO E 82 -3.28 11.29 14.81
C PRO E 82 -3.12 12.66 15.47
N GLN E 83 -1.91 13.19 15.59
CA GLN E 83 -1.67 14.46 16.25
C GLN E 83 -1.74 15.66 15.32
N ASN E 84 -1.85 15.39 14.02
CA ASN E 84 -1.93 16.45 13.02
C ASN E 84 -3.34 17.00 12.79
N LEU E 85 -4.37 16.30 13.29
CA LEU E 85 -5.73 16.75 13.11
C LEU E 85 -5.98 18.05 13.86
N PHE E 86 -5.31 18.26 14.99
CA PHE E 86 -5.41 19.53 15.68
C PHE E 86 -4.89 20.66 14.80
N LEU E 87 -3.75 20.44 14.13
CA LEU E 87 -3.23 21.44 13.21
C LEU E 87 -4.20 21.68 12.07
N VAL E 88 -4.80 20.61 11.55
CA VAL E 88 -5.78 20.76 10.47
C VAL E 88 -6.93 21.65 10.91
N SER E 89 -7.48 21.38 12.10
CA SER E 89 -8.61 22.16 12.58
C SER E 89 -8.23 23.61 12.82
N LEU E 90 -7.04 23.84 13.39
CA LEU E 90 -6.60 25.21 13.63
C LEU E 90 -6.41 25.95 12.32
N ALA E 91 -5.83 25.30 11.32
CA ALA E 91 -5.66 25.94 10.02
C ALA E 91 -7.00 26.25 9.39
N SER E 92 -7.97 25.34 9.52
CA SER E 92 -9.29 25.60 8.99
C SER E 92 -9.82 26.87 9.67
N ALA E 93 -9.92 26.85 11.00
CA ALA E 93 -10.36 28.02 11.72
C ALA E 93 -9.72 29.28 11.12
N ASP E 94 -8.39 29.34 11.14
CA ASP E 94 -7.69 30.46 10.53
C ASP E 94 -8.21 30.84 9.15
N ILE E 95 -8.41 29.84 8.29
CA ILE E 95 -8.91 30.12 6.95
C ILE E 95 -10.26 30.83 7.03
N LEU E 96 -11.19 30.26 7.79
CA LEU E 96 -12.53 30.85 7.86
C LEU E 96 -12.45 32.27 8.42
N VAL E 97 -11.81 32.43 9.57
CA VAL E 97 -11.74 33.73 10.24
C VAL E 97 -11.08 34.81 9.38
N ALA E 98 -9.99 34.46 8.71
CA ALA E 98 -9.32 35.42 7.84
C ALA E 98 -10.14 35.74 6.61
N THR E 99 -10.82 34.74 6.03
CA THR E 99 -11.49 34.98 4.76
C THR E 99 -12.80 35.73 4.93
N LEU E 100 -13.55 35.52 6.02
CA LEU E 100 -14.88 36.13 6.06
C LEU E 100 -15.09 37.09 7.22
N VAL E 101 -14.43 36.90 8.37
CA VAL E 101 -14.65 37.82 9.48
C VAL E 101 -13.94 39.14 9.12
N ILE E 102 -12.66 39.07 8.79
CA ILE E 102 -11.88 40.30 8.58
C ILE E 102 -12.54 41.33 7.67
N PRO E 103 -13.06 40.97 6.49
CA PRO E 103 -13.56 42.02 5.58
C PRO E 103 -14.65 42.88 6.19
N PHE E 104 -15.57 42.28 6.94
CA PHE E 104 -16.66 43.05 7.53
C PHE E 104 -16.17 43.95 8.64
N SER E 105 -15.24 43.45 9.47
CA SER E 105 -14.64 44.31 10.49
C SER E 105 -13.92 45.49 9.85
N LEU E 106 -13.18 45.24 8.77
CA LEU E 106 -12.50 46.33 8.08
C LEU E 106 -13.51 47.33 7.52
N ALA E 107 -14.58 46.83 6.90
CA ALA E 107 -15.62 47.74 6.39
C ALA E 107 -16.18 48.59 7.52
N ASN E 108 -16.40 47.98 8.69
CA ASN E 108 -16.74 48.76 9.87
C ASN E 108 -15.54 49.59 10.31
N GLU E 109 -15.82 50.81 10.77
CA GLU E 109 -14.83 51.74 11.29
C GLU E 109 -13.92 52.31 10.21
N VAL E 110 -14.06 51.87 8.96
CA VAL E 110 -13.38 52.55 7.86
C VAL E 110 -14.06 53.88 7.53
N MET E 111 -15.35 54.00 7.83
CA MET E 111 -16.05 55.28 7.78
C MET E 111 -16.84 55.58 9.04
N GLY E 112 -16.97 54.63 9.96
CA GLY E 112 -17.59 54.87 11.25
C GLY E 112 -19.01 54.38 11.40
N TYR E 113 -19.57 53.72 10.38
CA TYR E 113 -20.95 53.23 10.44
C TYR E 113 -21.03 51.81 9.91
N TRP E 114 -21.98 51.05 10.45
CA TRP E 114 -22.29 49.69 9.98
C TRP E 114 -23.41 49.81 8.96
N TYR E 115 -23.05 49.79 7.67
CA TYR E 115 -24.00 50.09 6.62
C TYR E 115 -25.12 49.06 6.52
N PHE E 116 -24.99 47.91 7.16
CA PHE E 116 -26.06 46.94 7.21
C PHE E 116 -26.92 47.19 8.45
N GLY E 117 -28.11 46.60 8.44
CA GLY E 117 -29.05 46.73 9.54
C GLY E 117 -28.79 45.71 10.63
N LYS E 118 -29.85 45.36 11.34
CA LYS E 118 -29.73 44.32 12.35
C LYS E 118 -29.26 43.01 11.74
N ALA E 119 -29.45 42.83 10.44
CA ALA E 119 -28.78 41.79 9.68
C ALA E 119 -27.51 42.39 9.09
N TRP E 120 -26.34 41.81 9.36
CA TRP E 120 -26.14 40.57 10.11
C TRP E 120 -25.36 40.79 11.42
N CYS E 121 -25.15 42.05 11.79
CA CYS E 121 -24.36 42.40 12.97
C CYS E 121 -24.56 41.44 14.13
N GLU E 122 -25.83 41.12 14.43
CA GLU E 122 -26.13 40.31 15.61
C GLU E 122 -25.54 38.92 15.53
N ILE E 123 -25.47 38.32 14.34
CA ILE E 123 -24.82 37.03 14.17
C ILE E 123 -23.33 37.17 13.84
N TYR E 124 -22.93 38.29 13.24
CA TYR E 124 -21.51 38.51 12.96
C TYR E 124 -20.70 38.58 14.24
N LEU E 125 -21.23 39.25 15.26
CA LEU E 125 -20.49 39.32 16.53
C LEU E 125 -20.26 37.92 17.10
N ALA E 126 -21.31 37.10 17.14
CA ALA E 126 -21.18 35.75 17.69
C ALA E 126 -20.22 34.91 16.85
N LEU E 127 -20.32 35.02 15.52
CA LEU E 127 -19.44 34.26 14.66
C LEU E 127 -17.98 34.65 14.86
N ASP E 128 -17.72 35.93 15.00
CA ASP E 128 -16.36 36.31 15.22
C ASP E 128 -15.88 35.76 16.56
N VAL E 129 -16.67 35.91 17.61
CA VAL E 129 -16.25 35.39 18.90
C VAL E 129 -15.95 33.90 18.82
N LEU E 130 -16.79 33.15 18.11
CA LEU E 130 -16.57 31.72 17.95
C LEU E 130 -15.24 31.43 17.25
N PHE E 131 -15.04 32.03 16.08
CA PHE E 131 -13.83 31.75 15.31
C PHE E 131 -12.60 32.30 16.01
N CYS E 132 -12.75 33.11 17.02
CA CYS E 132 -11.55 33.50 17.68
C CYS E 132 -11.27 32.58 18.78
N THR E 133 -12.23 32.38 19.65
CA THR E 133 -11.93 31.49 20.77
C THR E 133 -11.57 30.09 20.32
N SER E 134 -11.97 29.70 19.11
CA SER E 134 -11.60 28.37 18.62
C SER E 134 -10.08 28.19 18.60
N SER E 135 -9.36 29.21 18.12
CA SER E 135 -7.91 29.11 18.05
C SER E 135 -7.30 28.96 19.44
N ILE E 136 -7.79 29.73 20.41
CA ILE E 136 -7.24 29.65 21.76
C ILE E 136 -7.46 28.25 22.33
N VAL E 137 -8.67 27.72 22.17
CA VAL E 137 -8.96 26.39 22.71
C VAL E 137 -8.11 25.35 22.01
N HIS E 138 -7.91 25.49 20.69
CA HIS E 138 -7.07 24.55 19.96
C HIS E 138 -5.63 24.58 20.48
N LEU E 139 -5.11 25.78 20.73
CA LEU E 139 -3.75 25.87 21.26
C LEU E 139 -3.65 25.20 22.62
N CYS E 140 -4.63 25.43 23.48
CA CYS E 140 -4.60 24.79 24.79
C CYS E 140 -4.64 23.27 24.67
N ALA E 141 -5.51 22.76 23.80
CA ALA E 141 -5.61 21.31 23.62
C ALA E 141 -4.30 20.74 23.08
N ILE E 142 -3.68 21.44 22.12
CA ILE E 142 -2.42 20.96 21.56
C ILE E 142 -1.36 20.90 22.64
N SER E 143 -1.27 21.94 23.47
CA SER E 143 -0.29 21.94 24.54
C SER E 143 -0.53 20.79 25.51
N LEU E 144 -1.79 20.56 25.88
CA LEU E 144 -2.09 19.48 26.81
C LEU E 144 -1.72 18.13 26.21
N ASP E 145 -2.02 17.93 24.93
CA ASP E 145 -1.66 16.68 24.27
C ASP E 145 -0.15 16.49 24.25
N ARG E 146 0.60 17.57 24.01
CA ARG E 146 2.02 17.41 24.01
C ARG E 146 2.36 16.96 25.34
N TYR E 147 2.07 17.74 26.36
CA TYR E 147 2.46 17.35 27.72
C TYR E 147 2.20 15.88 28.03
N TRP E 148 0.96 15.43 27.81
CA TRP E 148 0.64 14.02 28.06
C TRP E 148 1.48 13.08 27.22
N SER E 149 1.91 13.50 26.03
CA SER E 149 2.78 12.64 25.22
C SER E 149 4.21 12.61 25.77
N ILE E 150 4.72 13.74 26.24
CA ILE E 150 6.08 13.76 26.75
C ILE E 150 6.19 13.00 28.07
N THR E 151 5.22 13.14 28.97
CA THR E 151 5.25 12.44 30.25
C THR E 151 4.25 11.30 30.23
N GLN E 152 4.65 10.16 30.76
CA GLN E 152 3.80 8.96 30.79
C GLN E 152 3.47 8.51 29.37
N ALA E 153 4.50 8.35 28.59
CA ALA E 153 4.36 8.05 27.19
C ALA E 153 3.66 6.81 26.82
N ILE E 154 3.92 5.72 27.50
CA ILE E 154 3.26 4.49 27.14
C ILE E 154 1.78 4.39 27.40
N GLU E 155 1.40 4.80 28.60
CA GLU E 155 0.04 4.66 28.95
C GLU E 155 -0.78 5.50 28.04
N TYR E 156 -0.44 6.76 27.87
CA TYR E 156 -1.20 7.62 27.00
C TYR E 156 -1.08 7.08 25.58
N ASN E 157 0.08 6.53 25.27
CA ASN E 157 0.38 6.06 23.96
C ASN E 157 -0.61 5.06 23.52
N LEU E 158 -1.35 4.50 24.45
CA LEU E 158 -2.32 3.48 24.10
C LEU E 158 -3.60 4.20 23.75
N LYS E 159 -3.56 5.53 23.72
CA LYS E 159 -4.79 6.21 23.47
C LYS E 159 -4.58 7.37 22.55
N ARG E 160 -4.19 7.06 21.33
CA ARG E 160 -4.00 8.03 20.25
C ARG E 160 -4.85 7.70 19.03
N THR E 161 -5.84 6.83 19.16
CA THR E 161 -6.68 6.50 18.03
C THR E 161 -7.38 7.76 17.54
N PRO E 162 -7.55 7.94 16.23
CA PRO E 162 -8.22 9.15 15.74
C PRO E 162 -9.57 9.38 16.38
N ARG E 163 -10.15 8.31 16.95
CA ARG E 163 -11.45 8.41 17.61
C ARG E 163 -11.42 9.38 18.79
N ARG E 164 -10.37 9.30 19.60
CA ARG E 164 -10.24 10.24 20.72
C ARG E 164 -9.90 11.64 20.22
N ILE E 165 -9.05 11.74 19.20
CA ILE E 165 -8.69 13.06 18.67
C ILE E 165 -9.91 13.77 18.12
N LYS E 166 -10.73 13.05 17.35
CA LYS E 166 -11.94 13.65 16.80
C LYS E 166 -12.92 14.02 17.91
N ALA E 167 -13.04 13.19 18.93
CA ALA E 167 -13.89 13.53 20.07
C ALA E 167 -13.41 14.82 20.72
N ILE E 168 -12.10 14.96 20.90
CA ILE E 168 -11.55 16.17 21.52
C ILE E 168 -11.85 17.38 20.65
N ILE E 169 -11.70 17.24 19.33
CA ILE E 169 -11.96 18.37 18.44
C ILE E 169 -13.41 18.80 18.54
N ILE E 170 -14.34 17.82 18.53
CA ILE E 170 -15.76 18.15 18.63
C ILE E 170 -16.06 18.81 19.97
N THR E 171 -15.45 18.31 21.04
CA THR E 171 -15.66 18.93 22.35
C THR E 171 -15.16 20.36 22.35
N VAL E 172 -14.02 20.62 21.71
CA VAL E 172 -13.50 21.98 21.61
C VAL E 172 -14.37 22.92 20.79
N TRP E 173 -15.12 22.36 19.83
CA TRP E 173 -15.95 23.21 18.98
C TRP E 173 -17.22 23.50 19.78
N VAL E 174 -17.76 22.50 20.47
CA VAL E 174 -19.01 22.72 21.20
C VAL E 174 -18.78 23.63 22.41
N ILE E 175 -17.64 23.51 23.10
CA ILE E 175 -17.38 24.41 24.20
C ILE E 175 -17.22 25.84 23.69
N SER E 176 -16.59 26.00 22.52
CA SER E 176 -16.52 27.32 21.90
C SER E 176 -17.91 27.85 21.59
N ALA E 177 -18.80 26.98 21.09
CA ALA E 177 -20.16 27.40 20.77
C ALA E 177 -20.90 27.86 22.01
N VAL E 178 -20.83 27.10 23.09
CA VAL E 178 -21.53 27.47 24.31
C VAL E 178 -20.93 28.74 24.92
N ILE E 179 -19.63 28.96 24.76
CA ILE E 179 -19.03 30.21 25.22
C ILE E 179 -19.58 31.37 24.41
N SER E 180 -19.63 31.23 23.08
CA SER E 180 -19.95 32.36 22.22
C SER E 180 -21.43 32.72 22.24
N PHE E 181 -22.32 31.71 22.18
CA PHE E 181 -23.71 31.99 21.85
C PHE E 181 -24.40 32.91 22.86
N PRO E 182 -24.33 32.66 24.17
CA PRO E 182 -25.16 33.43 25.09
C PRO E 182 -24.72 34.88 25.12
N PRO E 183 -25.64 35.82 25.44
CA PRO E 183 -27.06 35.56 25.72
C PRO E 183 -27.88 35.31 24.46
N ARG E 202 -23.63 51.07 13.06
CA ARG E 202 -23.34 51.23 14.48
C ARG E 202 -23.44 49.88 15.19
N CYS E 203 -22.83 48.86 14.60
CA CYS E 203 -22.83 47.54 15.22
C CYS E 203 -22.12 47.59 16.55
N GLU E 204 -22.85 47.27 17.62
CA GLU E 204 -22.37 47.47 18.99
C GLU E 204 -21.75 46.18 19.53
N ILE E 205 -21.41 46.20 20.81
CA ILE E 205 -20.91 45.02 21.52
C ILE E 205 -21.61 44.96 22.87
N ASN E 206 -21.62 43.76 23.45
CA ASN E 206 -22.27 43.56 24.73
C ASN E 206 -21.52 44.32 25.82
N ASP E 207 -22.26 44.67 26.88
CA ASP E 207 -21.70 45.43 27.99
C ASP E 207 -21.95 44.81 29.36
N GLN E 208 -22.76 43.75 29.45
CA GLN E 208 -23.02 43.13 30.74
C GLN E 208 -21.71 42.68 31.36
N LYS E 209 -21.31 43.32 32.46
CA LYS E 209 -20.02 43.02 33.06
C LYS E 209 -19.94 41.55 33.50
N TRP E 210 -21.02 41.02 34.07
CA TRP E 210 -21.02 39.63 34.50
C TRP E 210 -20.77 38.67 33.33
N TYR E 211 -21.01 39.12 32.10
CA TYR E 211 -20.73 38.31 30.91
C TYR E 211 -19.33 38.57 30.38
N VAL E 212 -18.96 39.83 30.18
CA VAL E 212 -17.69 40.15 29.55
C VAL E 212 -16.52 39.63 30.38
N ILE E 213 -16.53 39.90 31.69
CA ILE E 213 -15.41 39.51 32.53
C ILE E 213 -15.28 37.99 32.58
N SER E 214 -16.42 37.30 32.73
CA SER E 214 -16.38 35.84 32.81
C SER E 214 -15.85 35.24 31.51
N SER E 215 -16.34 35.76 30.38
CA SER E 215 -15.89 35.28 29.07
C SER E 215 -14.40 35.54 28.89
N CYS E 216 -13.95 36.71 29.32
CA CYS E 216 -12.54 37.08 29.21
C CYS E 216 -11.67 36.11 30.00
N ILE E 217 -11.99 35.91 31.29
CA ILE E 217 -11.16 35.06 32.13
C ILE E 217 -11.17 33.63 31.61
N GLY E 218 -12.37 33.08 31.36
CA GLY E 218 -12.45 31.70 30.94
C GLY E 218 -11.87 31.43 29.58
N SER E 219 -11.73 32.45 28.74
CA SER E 219 -11.18 32.27 27.41
C SER E 219 -9.67 32.50 27.36
N PHE E 220 -9.13 33.30 28.28
CA PHE E 220 -7.70 33.60 28.22
C PHE E 220 -6.91 33.10 29.41
N PHE E 221 -7.33 33.41 30.63
CA PHE E 221 -6.46 33.17 31.77
C PHE E 221 -6.20 31.69 31.99
N ALA E 222 -7.26 30.88 31.97
CA ALA E 222 -7.07 29.44 32.17
C ALA E 222 -6.21 28.81 31.07
N PRO E 223 -6.52 29.01 29.78
CA PRO E 223 -5.62 28.46 28.75
C PRO E 223 -4.20 28.95 28.88
N CYS E 224 -4.00 30.23 29.19
CA CYS E 224 -2.65 30.76 29.34
C CYS E 224 -1.93 30.08 30.50
N LEU E 225 -2.61 29.93 31.64
CA LEU E 225 -1.99 29.27 32.78
C LEU E 225 -1.60 27.83 32.43
N ILE E 226 -2.50 27.10 31.76
CA ILE E 226 -2.21 25.73 31.39
C ILE E 226 -1.00 25.67 30.47
N MET E 227 -0.94 26.56 29.46
CA MET E 227 0.18 26.56 28.55
C MET E 227 1.49 26.84 29.27
N ILE E 228 1.50 27.83 30.16
CA ILE E 228 2.71 28.16 30.90
C ILE E 228 3.16 26.95 31.72
N LEU E 229 2.25 26.34 32.46
CA LEU E 229 2.64 25.23 33.32
C LEU E 229 3.18 24.06 32.50
N VAL E 230 2.47 23.69 31.44
CA VAL E 230 2.89 22.51 30.67
C VAL E 230 4.24 22.76 30.02
N TYR E 231 4.44 23.95 29.43
CA TYR E 231 5.70 24.21 28.76
C TYR E 231 6.85 24.36 29.76
N VAL E 232 6.58 24.90 30.95
CA VAL E 232 7.62 24.94 31.97
C VAL E 232 8.03 23.53 32.38
N ARG E 233 7.03 22.65 32.51
CA ARG E 233 7.28 21.26 32.87
C ARG E 233 8.11 20.56 31.79
N ILE E 234 7.78 20.83 30.53
CA ILE E 234 8.51 20.24 29.41
C ILE E 234 9.95 20.74 29.39
N TYR E 235 10.15 22.04 29.60
CA TYR E 235 11.50 22.59 29.63
C TYR E 235 12.30 21.99 30.78
N GLN E 236 11.69 21.83 31.95
CA GLN E 236 12.38 21.22 33.07
C GLN E 236 12.81 19.79 32.75
N ILE E 237 11.92 19.02 32.12
CA ILE E 237 12.26 17.64 31.78
C ILE E 237 13.39 17.61 30.77
N ALA E 238 13.32 18.47 29.75
CA ALA E 238 14.39 18.52 28.76
C ALA E 238 15.72 18.90 29.40
N LYS E 239 15.70 19.84 30.34
CA LYS E 239 16.93 20.18 31.07
C LYS E 239 17.45 18.98 31.85
N ARG E 240 16.56 18.26 32.53
CA ARG E 240 16.98 17.11 33.32
C ARG E 240 17.57 16.00 32.45
N ARG E 241 17.09 15.84 31.22
CA ARG E 241 17.67 14.89 30.29
C ARG E 241 18.81 15.48 29.48
N THR E 242 19.14 16.76 29.69
CA THR E 242 20.20 17.38 28.91
C THR E 242 21.58 16.83 29.29
N ARG E 243 21.76 16.45 30.56
CA ARG E 243 23.04 15.95 31.03
C ARG E 243 23.50 14.78 30.16
N GLN E 381 25.39 19.85 25.29
CA GLN E 381 25.46 21.20 25.85
C GLN E 381 25.11 22.26 24.81
N ASN E 382 25.52 22.05 23.55
CA ASN E 382 25.24 23.03 22.52
C ASN E 382 23.74 23.17 22.27
N ARG E 383 23.00 22.08 22.20
CA ARG E 383 21.56 22.19 21.92
C ARG E 383 20.80 22.90 23.02
N GLU E 384 21.38 23.02 24.19
CA GLU E 384 20.66 23.69 25.26
C GLU E 384 20.14 25.05 24.81
N LYS E 385 21.01 25.84 24.18
CA LYS E 385 20.57 27.13 23.66
C LYS E 385 19.67 26.96 22.44
N ARG E 386 20.00 26.00 21.58
CA ARG E 386 19.26 25.83 20.35
C ARG E 386 17.77 25.60 20.54
N PHE E 387 17.40 24.93 21.62
CA PHE E 387 15.99 24.61 21.83
C PHE E 387 15.33 25.49 22.88
N THR E 388 16.10 26.14 23.75
CA THR E 388 15.51 27.13 24.65
C THR E 388 14.86 28.26 23.87
N PHE E 389 15.47 28.63 22.73
CA PHE E 389 14.89 29.64 21.87
C PHE E 389 13.56 29.20 21.30
N VAL E 390 13.44 27.93 20.92
CA VAL E 390 12.21 27.46 20.28
C VAL E 390 11.03 27.57 21.23
N LEU E 391 11.22 27.13 22.48
CA LEU E 391 10.11 27.11 23.42
C LEU E 391 9.59 28.51 23.71
N ALA E 392 10.49 29.50 23.81
CA ALA E 392 10.05 30.86 24.09
C ALA E 392 9.09 31.22 22.97
N VAL E 393 9.58 31.24 21.72
CA VAL E 393 8.73 31.63 20.61
C VAL E 393 7.30 31.10 20.65
N VAL E 394 7.15 29.81 20.92
CA VAL E 394 5.81 29.21 20.94
C VAL E 394 4.95 29.87 22.01
N ILE E 395 5.51 30.06 23.20
CA ILE E 395 4.77 30.70 24.29
C ILE E 395 4.92 32.21 24.28
N GLY E 396 5.82 32.75 23.47
CA GLY E 396 6.02 34.19 23.43
C GLY E 396 5.05 34.90 22.50
N VAL E 397 4.92 34.40 21.27
CA VAL E 397 4.02 35.03 20.32
C VAL E 397 2.59 34.99 20.81
N PHE E 398 2.20 33.90 21.47
CA PHE E 398 0.82 33.75 21.91
C PHE E 398 0.41 34.84 22.88
N VAL E 399 1.28 35.16 23.84
CA VAL E 399 0.91 36.11 24.89
C VAL E 399 1.07 37.54 24.41
N VAL E 400 2.16 37.84 23.69
CA VAL E 400 2.41 39.22 23.28
C VAL E 400 1.31 39.70 22.35
N CYS E 401 0.84 38.84 21.44
CA CYS E 401 -0.13 39.27 20.45
C CYS E 401 -1.55 39.26 20.99
N TRP E 402 -1.78 38.66 22.15
CA TRP E 402 -3.15 38.50 22.64
C TRP E 402 -3.36 39.00 24.06
N PHE E 403 -2.31 39.11 24.86
CA PHE E 403 -2.45 39.54 26.26
C PHE E 403 -3.04 40.93 26.45
N PRO E 404 -2.65 41.90 25.53
CA PRO E 404 -3.22 43.23 25.78
C PRO E 404 -4.75 43.37 25.70
N PHE E 405 -5.41 42.71 24.76
CA PHE E 405 -6.82 42.85 24.61
C PHE E 405 -7.67 42.39 25.75
N PHE E 406 -7.45 41.18 26.20
CA PHE E 406 -8.25 40.67 27.29
C PHE E 406 -7.95 41.46 28.48
N PHE E 407 -6.70 41.84 28.59
CA PHE E 407 -6.32 42.57 29.78
C PHE E 407 -7.11 43.84 29.87
N THR E 408 -7.19 44.53 28.76
CA THR E 408 -7.90 45.75 28.71
C THR E 408 -9.35 45.58 29.00
N TYR E 409 -10.03 44.57 28.44
CA TYR E 409 -11.46 44.47 28.78
C TYR E 409 -11.51 44.18 30.23
N THR E 410 -10.75 43.21 30.69
CA THR E 410 -10.80 43.04 32.13
C THR E 410 -10.54 44.36 32.83
N LEU E 411 -9.70 45.20 32.24
CA LEU E 411 -9.58 46.60 32.63
C LEU E 411 -10.42 47.48 31.71
N THR E 412 -10.63 48.72 32.14
CA THR E 412 -11.32 49.71 31.33
C THR E 412 -12.81 49.40 31.17
N ALA E 413 -13.26 48.28 31.73
CA ALA E 413 -14.67 47.87 31.65
C ALA E 413 -15.29 47.75 33.04
N VAL E 414 -14.67 46.97 33.92
CA VAL E 414 -15.20 46.78 35.27
C VAL E 414 -14.57 47.76 36.25
N GLY E 415 -13.25 47.88 36.23
CA GLY E 415 -12.55 48.82 37.09
C GLY E 415 -12.67 50.23 36.56
N CYS E 416 -11.62 51.01 36.81
CA CYS E 416 -11.57 52.36 36.27
C CYS E 416 -11.59 52.30 34.75
N SER E 417 -12.43 53.13 34.13
CA SER E 417 -12.59 53.15 32.68
C SER E 417 -11.57 54.13 32.10
N VAL E 418 -10.63 53.61 31.33
CA VAL E 418 -9.58 54.44 30.73
C VAL E 418 -9.46 54.10 29.24
N PRO E 419 -10.39 54.56 28.41
CA PRO E 419 -10.28 54.28 26.97
C PRO E 419 -9.13 55.02 26.33
N ARG E 420 -8.47 54.34 25.38
CA ARG E 420 -7.37 54.93 24.63
C ARG E 420 -7.49 54.50 23.17
N THR E 421 -6.82 55.27 22.30
CA THR E 421 -6.85 54.98 20.87
C THR E 421 -6.09 53.72 20.51
N LEU E 422 -5.23 53.23 21.40
CA LEU E 422 -4.49 51.99 21.14
C LEU E 422 -5.40 50.77 21.16
N PHE E 423 -6.66 50.95 21.44
CA PHE E 423 -7.47 49.77 21.39
C PHE E 423 -7.43 49.26 19.99
N LYS E 424 -7.62 50.16 19.06
CA LYS E 424 -7.62 49.70 17.68
C LYS E 424 -6.39 48.86 17.38
N PHE E 425 -5.24 49.28 17.91
CA PHE E 425 -4.02 48.50 17.72
C PHE E 425 -4.14 47.13 18.38
N PHE E 426 -4.72 47.06 19.58
CA PHE E 426 -4.93 45.77 20.22
C PHE E 426 -5.85 44.89 19.38
N PHE E 427 -6.89 45.48 18.83
CA PHE E 427 -7.74 44.68 18.05
C PHE E 427 -7.03 44.15 16.86
N TRP E 428 -6.35 45.00 16.15
CA TRP E 428 -5.64 44.55 14.96
C TRP E 428 -4.64 43.45 15.31
N PHE E 429 -3.94 43.58 16.44
CA PHE E 429 -2.99 42.55 16.84
C PHE E 429 -3.70 41.24 17.16
N GLY E 430 -4.94 41.31 17.63
CA GLY E 430 -5.66 40.10 17.98
C GLY E 430 -5.83 39.14 16.82
N TYR E 431 -5.70 39.65 15.58
CA TYR E 431 -5.96 38.82 14.41
C TYR E 431 -4.70 38.16 13.87
N CYS E 432 -3.56 38.85 13.92
CA CYS E 432 -2.37 38.37 13.22
C CYS E 432 -1.80 37.09 13.82
N ASN E 433 -2.25 36.73 15.01
CA ASN E 433 -1.83 35.50 15.64
C ASN E 433 -2.30 34.34 14.77
N SER E 434 -3.51 34.46 14.22
CA SER E 434 -4.08 33.42 13.37
C SER E 434 -3.17 33.11 12.19
N SER E 435 -2.41 34.12 11.77
CA SER E 435 -1.45 34.00 10.68
C SER E 435 -0.05 33.58 11.11
N LEU E 436 0.33 33.93 12.34
CA LEU E 436 1.66 33.60 12.86
C LEU E 436 1.73 32.16 13.37
N ASN E 437 0.68 31.75 14.06
CA ASN E 437 0.61 30.44 14.67
C ASN E 437 0.77 29.26 13.71
N PRO E 438 0.21 29.31 12.51
CA PRO E 438 0.41 28.12 11.67
C PRO E 438 1.91 27.93 11.41
N VAL E 439 2.61 29.02 11.14
CA VAL E 439 4.05 28.97 10.90
C VAL E 439 4.88 28.51 12.10
N ILE E 440 4.52 28.99 13.28
CA ILE E 440 5.24 28.66 14.51
C ILE E 440 5.18 27.16 14.77
N TYR E 441 4.00 26.56 14.59
CA TYR E 441 3.79 25.16 14.93
C TYR E 441 4.25 24.20 13.84
N THR E 442 4.88 24.69 12.77
CA THR E 442 5.34 23.84 11.69
C THR E 442 6.77 24.08 11.25
N ILE E 443 7.35 25.26 11.51
CA ILE E 443 8.71 25.54 11.04
C ILE E 443 9.73 24.64 11.73
N PHE E 444 9.43 24.13 12.93
CA PHE E 444 10.37 23.33 13.69
C PHE E 444 10.15 21.83 13.52
N ASN E 445 9.26 21.42 12.61
CA ASN E 445 9.00 20.01 12.35
C ASN E 445 9.56 19.47 11.04
N HIS E 446 10.65 18.74 11.10
CA HIS E 446 11.28 18.26 9.88
C HIS E 446 10.38 17.79 8.77
N ASP E 447 9.52 16.83 9.09
CA ASP E 447 8.64 16.35 8.04
C ASP E 447 7.87 17.47 7.34
N PHE E 448 7.38 18.45 8.11
CA PHE E 448 6.75 19.61 7.50
C PHE E 448 7.74 20.39 6.65
N ARG E 449 9.00 20.42 7.08
CA ARG E 449 10.05 21.12 6.34
C ARG E 449 10.25 20.47 4.97
N ARG E 450 10.26 19.14 4.93
CA ARG E 450 10.38 18.41 3.67
C ARG E 450 9.14 18.60 2.80
N ALA E 451 7.96 18.57 3.41
CA ALA E 451 6.74 18.77 2.64
C ALA E 451 6.72 20.14 1.98
N PHE E 452 7.09 21.17 2.74
CA PHE E 452 7.12 22.52 2.19
C PHE E 452 8.16 22.64 1.09
N LYS E 453 9.33 22.00 1.26
CA LYS E 453 10.33 22.03 0.21
C LYS E 453 9.82 21.36 -1.06
N LYS E 454 9.14 20.23 -0.92
CA LYS E 454 8.57 19.57 -2.09
C LYS E 454 7.54 20.46 -2.77
N ILE E 455 6.67 21.10 -1.99
CA ILE E 455 5.69 22.01 -2.58
C ILE E 455 6.38 23.15 -3.31
N LEU E 456 7.48 23.65 -2.74
CA LEU E 456 8.25 24.70 -3.41
C LEU E 456 8.81 24.21 -4.74
N CYS E 457 9.33 22.98 -4.76
CA CYS E 457 9.89 22.41 -5.97
C CYS E 457 8.88 21.49 -6.65
#